data_8B9W
#
_entry.id   8B9W
#
_cell.length_a   187.303
_cell.length_b   187.303
_cell.length_c   187.303
_cell.angle_alpha   90.000
_cell.angle_beta   90.000
_cell.angle_gamma   90.000
#
_symmetry.space_group_name_H-M   'I 2 3'
#
loop_
_entity.id
_entity.type
_entity.pdbx_description
1 polymer 'Putative cysteine synthase'
2 non-polymer "PYRIDOXAL-5'-PHOSPHATE"
3 non-polymer GLYCEROL
4 non-polymer 'CHLORIDE ION'
5 water water
#
_entity_poly.entity_id   1
_entity_poly.type   'polypeptide(L)'
_entity_poly.pdbx_seq_one_letter_code
;MGSSHHHHHHSSGLVPRGSMSGQEFNKQNDVAPSVDALIGNTPAVYLRNMNKTAATIVLKLESENPMASVKDRLAYAIYD
KAEKEGKIKRGKSVIVEATSGNTGIALALLGAVRGYKVIITMPDSMSMERRSLLRIFGAELILTPASLGMKGAVAMANRI
VSNNPDAVLADQFCTKYNAQIHEETTGPEIWRQTKGHVDCFVAGVGTGGTLTGVARFLKSVGCNANIVAVEPQESPVLSG
GRPGPHRIQGIGAGFVPEVLDRELVDEIIQVSSDKAIETAQKLSRMDGIFCGFSAGANVFAALKIAERPEMAGKTIVTVI
PSFGERYLSTALYASVREEITSLPVVPVSEIPQV
;
_entity_poly.pdbx_strand_id   A,B
#
# COMPACT_ATOMS: atom_id res chain seq x y z
N GLN A 23 20.63 9.70 15.35
CA GLN A 23 19.14 9.76 15.28
C GLN A 23 18.75 10.82 14.21
N GLU A 24 19.15 10.56 12.95
CA GLU A 24 18.34 10.82 11.75
C GLU A 24 17.18 9.81 11.68
N PHE A 25 16.14 10.12 10.89
CA PHE A 25 14.84 9.43 10.97
C PHE A 25 14.94 7.98 10.51
N ASN A 26 14.54 7.03 11.38
CA ASN A 26 14.49 5.63 10.99
C ASN A 26 13.08 5.10 11.19
N LYS A 27 12.39 4.75 10.07
CA LYS A 27 10.99 4.35 10.13
C LYS A 27 10.74 3.16 11.05
N GLN A 28 11.63 2.14 11.04
CA GLN A 28 11.43 0.98 11.94
C GLN A 28 11.51 1.32 13.43
N ASN A 29 12.31 2.38 13.80
CA ASN A 29 12.60 2.63 15.20
C ASN A 29 12.02 3.91 15.77
N ASP A 30 11.40 4.76 14.94
CA ASP A 30 10.99 6.09 15.38
C ASP A 30 9.49 6.26 15.13
N VAL A 31 8.92 7.28 15.81
CA VAL A 31 7.55 7.65 15.53
C VAL A 31 7.59 8.88 14.68
N ALA A 32 7.00 8.78 13.46
CA ALA A 32 7.02 9.95 12.58
C ALA A 32 6.07 11.01 13.15
N PRO A 33 6.45 12.30 13.05
CA PRO A 33 5.54 13.39 13.45
C PRO A 33 4.25 13.50 12.63
N SER A 34 4.32 13.07 11.38
CA SER A 34 3.14 13.09 10.54
C SER A 34 3.41 12.23 9.32
N VAL A 35 2.38 12.04 8.48
CA VAL A 35 2.52 11.10 7.37
C VAL A 35 3.56 11.57 6.36
N ASP A 36 3.76 12.87 6.16
CA ASP A 36 4.69 13.29 5.14
C ASP A 36 6.13 12.86 5.50
N ALA A 37 6.43 12.69 6.78
CA ALA A 37 7.76 12.26 7.21
C ALA A 37 8.04 10.79 6.89
N LEU A 38 6.99 10.02 6.52
CA LEU A 38 7.07 8.63 6.12
C LEU A 38 7.30 8.47 4.61
N ILE A 39 7.25 9.53 3.84
CA ILE A 39 7.57 9.47 2.42
C ILE A 39 9.05 9.24 2.20
N GLY A 40 9.40 8.45 1.19
CA GLY A 40 10.79 8.10 0.99
C GLY A 40 11.23 7.03 1.99
N ASN A 41 12.56 6.81 1.99
CA ASN A 41 13.17 5.77 2.81
C ASN A 41 12.48 4.44 2.56
N THR A 42 12.18 4.19 1.28
CA THR A 42 11.48 2.99 0.86
C THR A 42 12.45 1.80 0.83
N PRO A 43 11.88 0.57 0.94
CA PRO A 43 12.69 -0.63 0.89
C PRO A 43 13.21 -0.91 -0.51
N ALA A 44 14.14 -1.86 -0.58
CA ALA A 44 14.64 -2.45 -1.83
C ALA A 44 14.68 -3.97 -1.65
N VAL A 45 14.49 -4.74 -2.72
CA VAL A 45 14.41 -6.19 -2.63
C VAL A 45 15.10 -6.73 -3.90
N TYR A 46 15.90 -7.79 -3.77
CA TYR A 46 16.43 -8.50 -4.94
C TYR A 46 15.30 -9.20 -5.69
N LEU A 47 15.36 -9.20 -7.00
CA LEU A 47 14.42 -10.02 -7.79
C LEU A 47 14.98 -11.45 -7.90
N ARG A 48 14.20 -12.44 -7.44
CA ARG A 48 14.77 -13.76 -7.17
C ARG A 48 14.41 -14.74 -8.30
N ASN A 49 13.15 -15.16 -8.34
CA ASN A 49 12.66 -16.21 -9.22
C ASN A 49 12.64 -15.82 -10.69
N MET A 50 12.24 -14.60 -11.02
CA MET A 50 12.09 -14.17 -12.41
C MET A 50 13.44 -13.95 -13.10
N ASN A 51 14.52 -13.93 -12.31
CA ASN A 51 15.84 -13.55 -12.84
C ASN A 51 16.60 -14.84 -13.20
N LYS A 52 16.64 -15.19 -14.50
CA LYS A 52 17.34 -16.36 -15.03
C LYS A 52 18.72 -15.99 -15.58
N THR A 53 19.33 -14.92 -15.06
CA THR A 53 20.54 -14.33 -15.60
C THR A 53 21.68 -14.45 -14.56
N ALA A 54 22.87 -14.04 -15.03
CA ALA A 54 24.05 -13.92 -14.19
C ALA A 54 24.24 -12.52 -13.58
N ALA A 55 23.22 -11.63 -13.75
CA ALA A 55 23.21 -10.30 -13.13
C ALA A 55 22.41 -10.39 -11.85
N THR A 56 22.76 -9.51 -10.89
CA THR A 56 21.85 -9.21 -9.80
C THR A 56 20.92 -8.04 -10.15
N ILE A 57 19.63 -8.17 -9.77
CA ILE A 57 18.65 -7.09 -9.98
C ILE A 57 18.04 -6.64 -8.67
N VAL A 58 18.33 -5.34 -8.37
CA VAL A 58 17.71 -4.68 -7.22
C VAL A 58 16.48 -3.85 -7.64
N LEU A 59 15.38 -4.11 -6.96
CA LEU A 59 14.16 -3.35 -7.13
C LEU A 59 13.96 -2.38 -5.96
N LYS A 60 13.91 -1.08 -6.33
CA LYS A 60 13.61 0.00 -5.37
C LYS A 60 12.10 0.20 -5.29
N LEU A 61 11.52 -0.07 -4.12
CA LEU A 61 10.06 -0.20 -4.03
C LEU A 61 9.42 1.13 -3.61
N GLU A 62 9.28 2.02 -4.60
CA GLU A 62 8.50 3.24 -4.49
C GLU A 62 7.02 2.97 -4.29
N SER A 63 6.60 1.71 -4.55
CA SER A 63 5.23 1.26 -4.28
C SER A 63 4.91 1.33 -2.80
N GLU A 64 5.95 1.43 -1.95
CA GLU A 64 5.84 1.33 -0.51
C GLU A 64 5.74 2.72 0.12
N ASN A 65 5.67 3.78 -0.69
CA ASN A 65 5.39 5.12 -0.17
C ASN A 65 3.99 5.14 0.45
N PRO A 66 3.66 6.13 1.31
CA PRO A 66 2.34 6.19 1.98
C PRO A 66 1.05 6.08 1.16
N MET A 67 1.02 6.67 -0.03
CA MET A 67 -0.09 6.52 -0.98
C MET A 67 0.33 5.76 -2.22
N ALA A 68 1.37 4.93 -2.03
CA ALA A 68 1.63 3.75 -2.84
C ALA A 68 2.12 4.05 -4.24
N SER A 69 2.79 5.19 -4.43
CA SER A 69 3.50 5.46 -5.66
C SER A 69 4.67 6.38 -5.37
N VAL A 70 5.50 6.50 -6.40
CA VAL A 70 6.72 7.30 -6.36
C VAL A 70 6.40 8.79 -6.25
N LYS A 71 5.17 9.15 -6.67
CA LYS A 71 4.78 10.54 -6.85
C LYS A 71 4.64 11.22 -5.50
N ASP A 72 4.62 10.38 -4.44
CA ASP A 72 4.56 10.97 -3.11
C ASP A 72 5.83 11.78 -2.86
N ARG A 73 6.95 11.39 -3.48
CA ARG A 73 8.21 12.10 -3.29
C ARG A 73 8.13 13.44 -4.00
N LEU A 74 7.55 13.48 -5.20
CA LEU A 74 7.39 14.70 -5.94
C LEU A 74 6.44 15.70 -5.22
N ALA A 75 5.25 15.25 -4.75
CA ALA A 75 4.38 16.13 -3.96
C ALA A 75 5.13 16.68 -2.76
N TYR A 76 5.78 15.83 -2.00
CA TYR A 76 6.58 16.29 -0.88
C TYR A 76 7.51 17.41 -1.32
N ALA A 77 8.23 17.23 -2.43
CA ALA A 77 9.23 18.21 -2.85
C ALA A 77 8.59 19.57 -3.19
N ILE A 78 7.52 19.54 -3.98
CA ILE A 78 6.82 20.75 -4.40
C ILE A 78 6.36 21.56 -3.19
N TYR A 79 5.55 20.95 -2.35
CA TYR A 79 5.12 21.59 -1.13
C TYR A 79 6.28 22.06 -0.27
N ASP A 80 7.35 21.29 -0.15
CA ASP A 80 8.30 21.56 0.94
C ASP A 80 9.28 22.61 0.46
N LYS A 81 9.66 22.52 -0.80
CA LYS A 81 10.60 23.46 -1.35
C LYS A 81 9.89 24.77 -1.66
N ALA A 82 8.65 24.73 -2.16
CA ALA A 82 7.95 25.96 -2.48
C ALA A 82 7.72 26.78 -1.21
N GLU A 83 7.23 26.14 -0.14
CA GLU A 83 7.13 26.77 1.18
C GLU A 83 8.46 27.42 1.57
N LYS A 84 9.60 26.78 1.33
CA LYS A 84 10.84 27.28 1.90
C LYS A 84 11.34 28.43 1.04
N GLU A 85 10.94 28.52 -0.23
CA GLU A 85 11.35 29.62 -1.09
C GLU A 85 10.31 30.74 -1.03
N GLY A 86 9.36 30.67 -0.06
CA GLY A 86 8.25 31.62 0.06
C GLY A 86 7.29 31.69 -1.14
N LYS A 87 7.38 30.78 -2.11
CA LYS A 87 6.46 30.75 -3.23
C LYS A 87 5.06 30.28 -2.82
N ILE A 88 4.82 29.74 -1.60
CA ILE A 88 3.48 29.33 -1.15
C ILE A 88 3.38 29.49 0.36
N LYS A 89 2.13 29.55 0.88
CA LYS A 89 1.85 29.73 2.30
C LYS A 89 0.60 28.94 2.71
N ARG A 90 0.59 28.34 3.90
CA ARG A 90 -0.47 27.40 4.31
C ARG A 90 -1.80 28.15 4.42
N GLY A 91 -2.93 27.48 4.13
CA GLY A 91 -4.25 28.11 4.17
C GLY A 91 -4.43 29.21 3.12
N LYS A 92 -3.37 29.85 2.63
CA LYS A 92 -3.56 30.88 1.62
C LYS A 92 -3.52 30.26 0.23
N SER A 93 -2.48 29.43 -0.02
CA SER A 93 -2.13 29.06 -1.40
C SER A 93 -2.91 27.83 -1.84
N VAL A 94 -3.22 27.79 -3.16
CA VAL A 94 -4.04 26.73 -3.76
C VAL A 94 -3.24 26.01 -4.85
N ILE A 95 -3.06 24.70 -4.67
CA ILE A 95 -2.17 23.95 -5.54
C ILE A 95 -3.07 23.36 -6.61
N VAL A 96 -2.61 23.52 -7.86
CA VAL A 96 -3.43 23.12 -8.99
C VAL A 96 -2.59 22.24 -9.93
N GLU A 97 -3.24 21.19 -10.43
CA GLU A 97 -2.62 20.32 -11.38
C GLU A 97 -3.72 19.62 -12.12
N ALA A 98 -3.48 19.50 -13.43
CA ALA A 98 -4.18 18.56 -14.28
C ALA A 98 -3.39 17.23 -14.33
N THR A 99 -4.09 16.15 -13.94
CA THR A 99 -3.52 14.85 -13.77
C THR A 99 -4.65 13.86 -13.63
N SER A 100 -4.59 12.78 -14.40
CA SER A 100 -5.52 11.68 -14.22
C SER A 100 -4.83 10.48 -13.54
N GLY A 101 -3.62 10.70 -12.98
CA GLY A 101 -2.87 9.66 -12.28
C GLY A 101 -2.44 10.01 -10.84
N ASN A 102 -1.28 9.50 -10.47
CA ASN A 102 -0.91 9.36 -9.08
C ASN A 102 -0.40 10.68 -8.53
N THR A 103 0.06 11.57 -9.44
CA THR A 103 0.48 12.91 -9.00
C THR A 103 -0.66 13.62 -8.28
N GLY A 104 -1.88 13.39 -8.73
CA GLY A 104 -3.04 13.98 -8.10
C GLY A 104 -3.30 13.49 -6.68
N ILE A 105 -3.22 12.18 -6.52
CA ILE A 105 -3.34 11.54 -5.20
C ILE A 105 -2.29 12.07 -4.23
N ALA A 106 -1.04 12.22 -4.68
CA ALA A 106 0.05 12.66 -3.83
C ALA A 106 -0.17 14.11 -3.43
N LEU A 107 -0.49 14.96 -4.41
CA LEU A 107 -0.77 16.38 -4.16
C LEU A 107 -1.98 16.50 -3.24
N ALA A 108 -3.02 15.69 -3.46
CA ALA A 108 -4.14 15.65 -2.50
C ALA A 108 -3.66 15.35 -1.10
N LEU A 109 -2.87 14.27 -0.99
CA LEU A 109 -2.44 13.76 0.30
C LEU A 109 -1.74 14.86 1.07
N LEU A 110 -0.76 15.46 0.46
CA LEU A 110 0.04 16.47 1.12
C LEU A 110 -0.72 17.75 1.43
N GLY A 111 -1.67 18.13 0.56
CA GLY A 111 -2.66 19.13 0.93
C GLY A 111 -3.31 18.85 2.29
N ALA A 112 -3.88 17.66 2.49
CA ALA A 112 -4.56 17.29 3.73
C ALA A 112 -3.67 17.39 4.96
N VAL A 113 -2.40 17.07 4.77
CA VAL A 113 -1.45 16.84 5.83
C VAL A 113 -0.94 18.21 6.25
N ARG A 114 -0.67 19.05 5.25
CA ARG A 114 0.04 20.32 5.44
C ARG A 114 -0.88 21.56 5.41
N GLY A 115 -2.19 21.36 5.21
CA GLY A 115 -3.18 22.42 5.23
C GLY A 115 -3.15 23.32 4.00
N TYR A 116 -3.20 22.71 2.79
CA TYR A 116 -3.50 23.45 1.59
C TYR A 116 -4.64 22.83 0.78
N LYS A 117 -5.33 23.77 0.14
CA LYS A 117 -6.36 23.55 -0.84
C LYS A 117 -5.67 23.05 -2.08
N VAL A 118 -6.31 22.02 -2.64
CA VAL A 118 -5.80 21.38 -3.84
C VAL A 118 -6.97 21.36 -4.84
N ILE A 119 -6.66 21.79 -6.07
CA ILE A 119 -7.58 21.55 -7.17
C ILE A 119 -6.90 20.69 -8.24
N ILE A 120 -7.62 19.61 -8.59
CA ILE A 120 -7.19 18.69 -9.61
C ILE A 120 -8.21 18.75 -10.72
N THR A 121 -7.71 18.94 -11.97
CA THR A 121 -8.48 18.90 -13.18
C THR A 121 -8.14 17.60 -13.90
N MET A 122 -9.17 16.90 -14.33
CA MET A 122 -9.03 15.70 -15.09
C MET A 122 -10.28 15.53 -15.97
N PRO A 123 -10.22 14.69 -17.03
CA PRO A 123 -11.38 14.51 -17.89
C PRO A 123 -12.47 13.68 -17.22
N ASP A 124 -13.73 13.82 -17.71
CA ASP A 124 -14.89 13.18 -17.13
CA ASP A 124 -14.93 13.18 -17.21
C ASP A 124 -14.82 11.64 -17.20
N SER A 125 -13.88 11.06 -17.97
CA SER A 125 -13.80 9.61 -18.16
C SER A 125 -13.21 8.84 -16.96
N MET A 126 -12.57 9.55 -16.03
CA MET A 126 -12.00 8.98 -14.81
C MET A 126 -13.03 8.26 -13.93
N SER A 127 -12.63 7.13 -13.34
CA SER A 127 -13.50 6.22 -12.59
C SER A 127 -13.90 6.82 -11.24
N MET A 128 -14.96 6.27 -10.56
CA MET A 128 -15.34 6.76 -9.23
C MET A 128 -14.23 6.37 -8.23
N GLU A 129 -13.55 5.24 -8.43
CA GLU A 129 -12.44 4.82 -7.61
C GLU A 129 -11.36 5.94 -7.57
N ARG A 130 -10.87 6.36 -8.75
CA ARG A 130 -9.82 7.35 -8.83
C ARG A 130 -10.28 8.76 -8.42
N ARG A 131 -11.58 9.05 -8.39
CA ARG A 131 -12.00 10.36 -7.91
C ARG A 131 -12.20 10.35 -6.41
N SER A 132 -12.66 9.23 -5.86
CA SER A 132 -12.71 8.99 -4.42
C SER A 132 -11.36 9.26 -3.75
N LEU A 133 -10.28 8.69 -4.35
CA LEU A 133 -8.94 8.76 -3.78
C LEU A 133 -8.54 10.22 -3.52
N LEU A 134 -9.07 11.14 -4.34
CA LEU A 134 -8.79 12.56 -4.23
C LEU A 134 -9.70 13.16 -3.18
N ARG A 135 -10.99 12.80 -3.25
CA ARG A 135 -11.97 13.51 -2.45
C ARG A 135 -11.83 13.13 -0.98
N ILE A 136 -11.34 11.92 -0.72
CA ILE A 136 -11.05 11.42 0.60
C ILE A 136 -10.06 12.30 1.38
N PHE A 137 -9.24 13.09 0.66
CA PHE A 137 -8.29 14.03 1.20
C PHE A 137 -8.80 15.47 1.13
N GLY A 138 -10.09 15.61 0.76
CA GLY A 138 -10.70 16.92 0.57
C GLY A 138 -10.11 17.72 -0.59
N ALA A 139 -9.47 17.09 -1.58
CA ALA A 139 -9.17 17.80 -2.81
C ALA A 139 -10.48 18.17 -3.51
N GLU A 140 -10.41 19.31 -4.23
CA GLU A 140 -11.43 19.70 -5.19
C GLU A 140 -11.07 19.12 -6.54
N LEU A 141 -12.11 18.59 -7.18
CA LEU A 141 -12.09 18.09 -8.52
C LEU A 141 -12.82 19.03 -9.47
N ILE A 142 -12.36 19.02 -10.73
CA ILE A 142 -12.95 19.73 -11.85
C ILE A 142 -12.92 18.85 -13.10
N LEU A 143 -14.09 18.29 -13.43
CA LEU A 143 -14.22 17.39 -14.55
C LEU A 143 -14.28 18.23 -15.83
N THR A 144 -13.36 17.95 -16.76
CA THR A 144 -13.41 18.50 -18.11
C THR A 144 -13.91 17.41 -19.05
N PRO A 145 -14.32 17.72 -20.32
CA PRO A 145 -15.03 16.73 -21.14
C PRO A 145 -14.03 15.72 -21.67
N ALA A 146 -14.46 14.45 -21.67
CA ALA A 146 -13.61 13.34 -22.08
C ALA A 146 -13.09 13.55 -23.52
N SER A 147 -13.93 14.10 -24.42
CA SER A 147 -13.62 14.37 -25.82
C SER A 147 -12.27 15.10 -25.95
N LEU A 148 -12.04 16.08 -25.06
CA LEU A 148 -10.88 16.94 -25.09
C LEU A 148 -9.68 16.31 -24.38
N GLY A 149 -9.92 15.22 -23.63
CA GLY A 149 -8.91 14.50 -22.86
C GLY A 149 -8.05 15.41 -21.97
N MET A 150 -6.75 15.12 -21.98
CA MET A 150 -5.83 15.78 -21.07
C MET A 150 -5.52 17.22 -21.52
N LYS A 151 -5.51 17.51 -22.86
CA LYS A 151 -5.22 18.86 -23.36
C LYS A 151 -6.26 19.80 -22.72
N GLY A 152 -7.51 19.31 -22.60
CA GLY A 152 -8.62 20.04 -21.98
C GLY A 152 -8.49 20.32 -20.48
N ALA A 153 -8.20 19.27 -19.69
CA ALA A 153 -7.80 19.43 -18.30
C ALA A 153 -6.61 20.43 -18.12
N VAL A 154 -5.58 20.29 -18.97
CA VAL A 154 -4.44 21.17 -18.90
C VAL A 154 -4.84 22.62 -19.10
N ALA A 155 -5.68 22.91 -20.10
CA ALA A 155 -6.16 24.27 -20.31
C ALA A 155 -6.97 24.78 -19.14
N MET A 156 -7.91 24.00 -18.55
CA MET A 156 -8.61 24.49 -17.36
C MET A 156 -7.69 24.87 -16.19
N ALA A 157 -6.66 24.04 -15.97
CA ALA A 157 -5.71 24.24 -14.89
C ALA A 157 -5.03 25.59 -15.06
N ASN A 158 -4.52 25.87 -16.26
CA ASN A 158 -3.88 27.16 -16.55
C ASN A 158 -4.85 28.33 -16.37
N ARG A 159 -6.13 28.12 -16.70
CA ARG A 159 -7.16 29.13 -16.59
C ARG A 159 -7.34 29.49 -15.12
N ILE A 160 -7.63 28.48 -14.29
CA ILE A 160 -7.76 28.69 -12.85
C ILE A 160 -6.54 29.39 -12.26
N VAL A 161 -5.35 29.04 -12.73
CA VAL A 161 -4.14 29.55 -12.12
C VAL A 161 -3.95 31.02 -12.48
N SER A 162 -4.42 31.44 -13.67
CA SER A 162 -4.29 32.84 -14.08
C SER A 162 -5.42 33.74 -13.54
N ASN A 163 -6.55 33.15 -13.16
CA ASN A 163 -7.62 33.85 -12.48
C ASN A 163 -7.32 34.09 -11.00
N ASN A 164 -6.57 33.21 -10.34
CA ASN A 164 -6.51 33.24 -8.89
C ASN A 164 -5.11 33.59 -8.52
N PRO A 165 -4.84 34.71 -7.82
CA PRO A 165 -3.48 35.19 -7.61
C PRO A 165 -2.68 34.30 -6.65
N ASP A 166 -3.40 33.42 -5.94
CA ASP A 166 -2.93 32.57 -4.87
C ASP A 166 -2.82 31.09 -5.34
N ALA A 167 -3.33 30.78 -6.53
CA ALA A 167 -3.16 29.51 -7.21
C ALA A 167 -1.74 29.37 -7.72
N VAL A 168 -1.24 28.12 -7.63
CA VAL A 168 0.08 27.73 -8.08
C VAL A 168 -0.07 26.41 -8.83
N LEU A 169 0.49 26.42 -10.05
CA LEU A 169 0.62 25.19 -10.82
C LEU A 169 1.76 24.32 -10.27
N ALA A 170 1.42 23.10 -9.85
CA ALA A 170 2.39 22.09 -9.42
C ALA A 170 3.48 21.89 -10.47
N ASP A 171 3.06 21.78 -11.77
CA ASP A 171 3.96 21.86 -12.90
C ASP A 171 4.91 20.62 -12.96
N GLN A 172 4.35 19.38 -12.87
CA GLN A 172 5.14 18.16 -12.68
C GLN A 172 6.20 17.88 -13.77
N PHE A 173 5.95 18.31 -15.02
CA PHE A 173 6.84 18.09 -16.16
C PHE A 173 7.92 19.16 -16.29
N CYS A 174 7.84 20.29 -15.53
CA CYS A 174 8.73 21.42 -15.79
C CYS A 174 9.49 21.77 -14.52
N THR A 175 8.96 21.42 -13.35
CA THR A 175 9.50 21.92 -12.08
C THR A 175 10.91 21.41 -11.78
N LYS A 176 11.73 22.31 -11.20
CA LYS A 176 13.10 22.03 -10.76
C LYS A 176 13.08 21.15 -9.50
N TYR A 177 11.90 21.07 -8.87
CA TYR A 177 11.82 20.34 -7.61
C TYR A 177 11.87 18.82 -7.82
N ASN A 178 11.59 18.39 -9.06
CA ASN A 178 11.23 17.01 -9.34
C ASN A 178 12.50 16.19 -9.32
N ALA A 179 13.39 16.43 -10.30
CA ALA A 179 14.71 15.81 -10.23
C ALA A 179 15.48 16.10 -8.92
N GLN A 180 15.36 17.32 -8.35
CA GLN A 180 16.07 17.66 -7.12
C GLN A 180 15.80 16.63 -6.03
N ILE A 181 14.52 16.30 -5.79
CA ILE A 181 14.14 15.42 -4.69
C ILE A 181 14.77 14.01 -4.89
N HIS A 182 14.86 13.53 -6.14
CA HIS A 182 15.41 12.21 -6.42
C HIS A 182 16.93 12.22 -6.28
N GLU A 183 17.54 13.38 -6.51
CA GLU A 183 18.97 13.49 -6.33
C GLU A 183 19.29 13.53 -4.84
N GLU A 184 18.38 14.04 -4.04
CA GLU A 184 18.60 14.18 -2.61
C GLU A 184 18.09 13.01 -1.80
N THR A 185 17.16 12.19 -2.30
CA THR A 185 16.58 11.11 -1.49
C THR A 185 16.78 9.79 -2.22
N THR A 186 16.15 9.63 -3.39
CA THR A 186 16.01 8.34 -4.03
C THR A 186 17.40 7.80 -4.32
N GLY A 187 18.23 8.68 -4.93
CA GLY A 187 19.64 8.39 -5.24
C GLY A 187 20.44 7.91 -4.03
N PRO A 188 20.64 8.78 -3.06
CA PRO A 188 21.31 8.39 -1.83
C PRO A 188 20.82 7.14 -1.13
N GLU A 189 19.53 6.89 -1.20
CA GLU A 189 18.99 5.70 -0.55
C GLU A 189 19.49 4.46 -1.27
N ILE A 190 19.39 4.47 -2.60
CA ILE A 190 19.79 3.35 -3.39
C ILE A 190 21.28 3.06 -3.15
N TRP A 191 22.10 4.13 -3.08
CA TRP A 191 23.53 4.00 -2.85
C TRP A 191 23.84 3.29 -1.52
N ARG A 192 23.21 3.69 -0.44
CA ARG A 192 23.28 2.98 0.85
C ARG A 192 22.75 1.54 0.78
N GLN A 193 21.64 1.28 0.13
CA GLN A 193 21.03 -0.03 0.17
C GLN A 193 21.92 -1.00 -0.62
N THR A 194 22.39 -0.59 -1.81
CA THR A 194 23.29 -1.41 -2.62
C THR A 194 24.76 -1.32 -2.18
N LYS A 195 25.04 -0.63 -1.07
CA LYS A 195 26.41 -0.40 -0.60
C LYS A 195 27.34 0.07 -1.70
N GLY A 196 26.94 0.97 -2.60
CA GLY A 196 27.87 1.48 -3.59
C GLY A 196 27.99 0.63 -4.87
N HIS A 197 27.23 -0.47 -5.01
CA HIS A 197 27.25 -1.33 -6.20
C HIS A 197 26.07 -1.01 -7.10
N VAL A 198 26.34 -0.19 -8.10
CA VAL A 198 25.29 0.12 -9.05
C VAL A 198 25.98 0.19 -10.41
N ASP A 199 25.72 -0.80 -11.26
CA ASP A 199 26.39 -0.89 -12.53
C ASP A 199 25.49 -0.34 -13.59
N CYS A 200 24.17 -0.42 -13.33
CA CYS A 200 23.19 0.14 -14.24
C CYS A 200 21.98 0.62 -13.45
N PHE A 201 21.46 1.79 -13.83
CA PHE A 201 20.17 2.21 -13.33
C PHE A 201 19.17 2.31 -14.48
N VAL A 202 18.02 1.62 -14.37
CA VAL A 202 17.06 1.63 -15.46
CA VAL A 202 17.01 1.51 -15.43
C VAL A 202 15.70 2.07 -14.91
N ALA A 203 15.06 2.97 -15.66
CA ALA A 203 13.77 3.48 -15.18
C ALA A 203 12.97 4.11 -16.31
N GLY A 204 11.68 3.82 -16.24
CA GLY A 204 10.71 4.47 -17.10
C GLY A 204 10.60 5.97 -16.84
N VAL A 205 10.35 6.66 -17.93
CA VAL A 205 10.27 8.10 -17.94
C VAL A 205 8.80 8.54 -18.07
N GLY A 206 8.23 9.02 -16.93
CA GLY A 206 6.98 9.77 -16.92
C GLY A 206 7.25 11.26 -17.13
N THR A 207 7.63 11.91 -16.00
CA THR A 207 8.15 13.27 -15.98
C THR A 207 9.64 13.24 -16.26
N GLY A 208 10.31 12.11 -15.95
CA GLY A 208 11.75 11.97 -16.15
C GLY A 208 12.53 12.33 -14.89
N GLY A 209 11.84 12.60 -13.80
CA GLY A 209 12.54 13.08 -12.62
C GLY A 209 13.31 12.00 -11.84
N THR A 210 12.69 10.83 -11.62
CA THR A 210 13.36 9.68 -11.04
C THR A 210 14.66 9.36 -11.80
N LEU A 211 14.55 9.17 -13.14
CA LEU A 211 15.74 8.91 -13.91
C LEU A 211 16.83 9.97 -13.67
N THR A 212 16.48 11.21 -13.92
CA THR A 212 17.38 12.32 -13.98
C THR A 212 17.99 12.56 -12.59
N GLY A 213 17.16 12.66 -11.58
CA GLY A 213 17.66 12.92 -10.22
C GLY A 213 18.64 11.84 -9.75
N VAL A 214 18.29 10.58 -9.98
CA VAL A 214 19.19 9.48 -9.58
C VAL A 214 20.51 9.50 -10.36
N ALA A 215 20.41 9.65 -11.70
CA ALA A 215 21.55 9.85 -12.56
C ALA A 215 22.50 10.92 -12.03
N ARG A 216 21.95 12.06 -11.64
CA ARG A 216 22.80 13.15 -11.24
C ARG A 216 23.50 12.79 -9.95
N PHE A 217 22.77 12.13 -9.08
CA PHE A 217 23.40 11.68 -7.85
C PHE A 217 24.53 10.73 -8.16
N LEU A 218 24.34 9.79 -9.11
CA LEU A 218 25.36 8.78 -9.36
C LEU A 218 26.62 9.48 -9.88
N LYS A 219 26.48 10.49 -10.77
CA LYS A 219 27.63 11.23 -11.26
C LYS A 219 28.23 12.01 -10.09
N SER A 220 27.44 12.50 -9.15
CA SER A 220 28.03 13.23 -8.04
C SER A 220 29.02 12.35 -7.24
N VAL A 221 28.84 11.03 -7.16
CA VAL A 221 29.67 10.22 -6.30
C VAL A 221 30.64 9.41 -7.17
N GLY A 222 30.76 9.86 -8.39
CA GLY A 222 31.69 9.23 -9.30
C GLY A 222 31.29 7.85 -9.77
N CYS A 223 30.01 7.50 -9.75
CA CYS A 223 29.56 6.23 -10.26
C CYS A 223 29.14 6.40 -11.72
N ASN A 224 29.63 5.52 -12.61
CA ASN A 224 29.38 5.68 -14.04
C ASN A 224 28.55 4.48 -14.49
N ALA A 225 27.47 4.23 -13.76
CA ALA A 225 26.48 3.24 -14.14
C ALA A 225 25.83 3.66 -15.44
N ASN A 226 25.48 2.69 -16.30
CA ASN A 226 24.80 2.93 -17.55
CA ASN A 226 24.82 3.05 -17.54
C ASN A 226 23.39 3.43 -17.14
N ILE A 227 22.92 4.57 -17.68
CA ILE A 227 21.61 5.14 -17.36
C ILE A 227 20.63 4.84 -18.50
N VAL A 228 19.53 4.15 -18.12
CA VAL A 228 18.63 3.59 -19.11
C VAL A 228 17.22 4.11 -18.92
N ALA A 229 16.70 4.72 -20.00
CA ALA A 229 15.34 5.19 -20.05
C ALA A 229 14.49 4.06 -20.59
N VAL A 230 13.23 4.03 -20.18
CA VAL A 230 12.29 3.05 -20.70
C VAL A 230 11.06 3.82 -21.17
N GLU A 231 10.63 3.60 -22.40
CA GLU A 231 9.40 4.16 -22.92
C GLU A 231 8.54 3.07 -23.54
N PRO A 232 7.25 3.36 -23.74
CA PRO A 232 6.33 2.40 -24.38
C PRO A 232 6.71 2.21 -25.83
N GLN A 233 6.49 1.00 -26.35
CA GLN A 233 6.95 0.71 -27.70
C GLN A 233 6.05 1.44 -28.71
N GLU A 234 4.76 1.49 -28.41
CA GLU A 234 3.72 2.11 -29.21
C GLU A 234 3.73 3.66 -29.18
N SER A 235 4.57 4.25 -28.29
CA SER A 235 4.73 5.70 -28.19
C SER A 235 6.17 6.07 -27.90
N PRO A 236 7.07 5.69 -28.84
CA PRO A 236 8.50 5.81 -28.66
C PRO A 236 9.05 7.18 -29.07
N VAL A 237 8.65 8.16 -28.28
CA VAL A 237 8.97 9.56 -28.54
C VAL A 237 10.48 9.86 -28.33
N LEU A 238 11.09 9.36 -27.25
CA LEU A 238 12.52 9.60 -27.02
C LEU A 238 13.37 8.94 -28.11
N SER A 239 12.81 8.02 -28.93
CA SER A 239 13.55 7.41 -30.04
C SER A 239 13.18 8.00 -31.39
N GLY A 240 12.35 9.04 -31.45
CA GLY A 240 12.01 9.65 -32.75
C GLY A 240 10.74 9.10 -33.40
N GLY A 241 10.07 8.14 -32.76
CA GLY A 241 8.75 7.75 -33.21
C GLY A 241 7.72 8.82 -32.82
N ARG A 242 6.46 8.51 -33.05
CA ARG A 242 5.40 9.49 -32.89
CA ARG A 242 5.40 9.49 -32.90
C ARG A 242 4.64 9.17 -31.61
N PRO A 243 4.08 10.17 -30.95
CA PRO A 243 3.18 9.91 -29.83
C PRO A 243 2.05 9.00 -30.26
N GLY A 244 1.80 7.97 -29.49
CA GLY A 244 0.69 7.08 -29.78
C GLY A 244 -0.01 6.68 -28.48
N PRO A 245 -1.20 6.06 -28.56
CA PRO A 245 -1.77 5.39 -27.37
C PRO A 245 -1.01 4.12 -26.91
N HIS A 246 -1.01 3.88 -25.59
CA HIS A 246 -0.50 2.67 -24.94
C HIS A 246 -1.22 2.51 -23.60
N ARG A 247 -1.08 1.32 -22.98
CA ARG A 247 -1.77 0.96 -21.74
C ARG A 247 -0.90 1.19 -20.46
N ILE A 248 0.35 1.73 -20.60
CA ILE A 248 1.38 1.72 -19.56
C ILE A 248 1.34 3.00 -18.72
N GLN A 249 0.32 3.00 -17.82
CA GLN A 249 0.13 4.07 -16.86
C GLN A 249 1.45 4.32 -16.08
N GLY A 250 1.81 5.60 -16.21
CA GLY A 250 2.85 6.25 -15.45
C GLY A 250 3.94 6.87 -16.34
N ILE A 251 4.17 6.22 -17.50
CA ILE A 251 5.24 6.62 -18.40
C ILE A 251 4.65 6.95 -19.77
N GLY A 252 5.48 7.50 -20.66
CA GLY A 252 5.09 7.75 -22.03
C GLY A 252 4.01 8.82 -22.17
N ALA A 253 4.33 10.04 -21.71
CA ALA A 253 3.51 11.24 -21.76
C ALA A 253 3.23 11.78 -23.17
N GLY A 254 3.96 11.33 -24.19
CA GLY A 254 3.68 11.74 -25.57
C GLY A 254 4.50 12.95 -26.00
N PHE A 255 5.56 13.27 -25.23
CA PHE A 255 6.45 14.38 -25.54
C PHE A 255 7.68 14.20 -24.66
N VAL A 256 8.70 15.03 -24.85
CA VAL A 256 9.91 15.02 -24.02
C VAL A 256 9.78 16.03 -22.85
N PRO A 257 9.66 15.61 -21.58
CA PRO A 257 9.55 16.58 -20.50
C PRO A 257 10.81 17.45 -20.35
N GLU A 258 10.60 18.74 -19.97
CA GLU A 258 11.68 19.67 -19.70
C GLU A 258 12.50 19.08 -18.55
N VAL A 259 11.88 18.31 -17.63
CA VAL A 259 12.57 17.80 -16.43
C VAL A 259 13.71 16.83 -16.78
N LEU A 260 13.49 16.06 -17.86
CA LEU A 260 14.41 15.05 -18.33
C LEU A 260 15.65 15.73 -18.91
N ASP A 261 16.82 15.39 -18.30
CA ASP A 261 18.15 15.72 -18.79
C ASP A 261 18.63 14.61 -19.72
N ARG A 262 18.47 14.81 -21.04
CA ARG A 262 18.73 13.73 -22.00
C ARG A 262 20.23 13.48 -22.09
N GLU A 263 21.09 14.46 -21.74
CA GLU A 263 22.54 14.36 -21.85
C GLU A 263 23.04 13.26 -20.88
N LEU A 264 22.31 12.93 -19.82
CA LEU A 264 22.71 11.93 -18.83
C LEU A 264 22.28 10.50 -19.19
N VAL A 265 21.41 10.36 -20.21
CA VAL A 265 20.78 9.12 -20.61
C VAL A 265 21.66 8.40 -21.64
N ASP A 266 22.08 7.18 -21.33
CA ASP A 266 23.02 6.39 -22.13
C ASP A 266 22.23 5.59 -23.16
N GLU A 267 20.94 5.30 -22.91
CA GLU A 267 20.29 4.34 -23.77
C GLU A 267 18.79 4.35 -23.48
N ILE A 268 17.99 3.99 -24.50
CA ILE A 268 16.55 3.91 -24.37
C ILE A 268 16.17 2.50 -24.74
N ILE A 269 15.31 1.87 -23.93
CA ILE A 269 14.70 0.59 -24.26
C ILE A 269 13.18 0.78 -24.39
N GLN A 270 12.56 0.26 -25.46
CA GLN A 270 11.13 0.25 -25.61
C GLN A 270 10.51 -1.03 -25.07
N VAL A 271 9.35 -1.01 -24.42
CA VAL A 271 8.63 -2.18 -23.99
C VAL A 271 7.17 -2.10 -24.44
N SER A 272 6.71 -3.11 -25.19
CA SER A 272 5.31 -3.22 -25.54
C SER A 272 4.45 -3.16 -24.28
N SER A 273 3.21 -2.70 -24.43
CA SER A 273 2.22 -2.79 -23.36
C SER A 273 2.04 -4.24 -22.95
N ASP A 274 2.08 -5.15 -23.91
CA ASP A 274 1.77 -6.54 -23.60
C ASP A 274 2.94 -7.15 -22.83
N LYS A 275 4.20 -6.78 -23.18
CA LYS A 275 5.33 -7.36 -22.49
C LYS A 275 5.33 -6.73 -21.07
N ALA A 276 4.73 -5.54 -20.88
CA ALA A 276 4.70 -4.88 -19.58
C ALA A 276 3.67 -5.51 -18.65
N ILE A 277 2.51 -5.84 -19.20
CA ILE A 277 1.48 -6.64 -18.52
C ILE A 277 1.96 -8.04 -18.14
N GLU A 278 2.57 -8.77 -19.07
CA GLU A 278 3.01 -10.09 -18.70
C GLU A 278 3.99 -10.02 -17.55
N THR A 279 4.98 -9.11 -17.65
CA THR A 279 5.95 -9.00 -16.58
C THR A 279 5.29 -8.64 -15.23
N ALA A 280 4.31 -7.71 -15.19
CA ALA A 280 3.75 -7.36 -13.90
C ALA A 280 3.03 -8.55 -13.30
N GLN A 281 2.36 -9.33 -14.16
CA GLN A 281 1.60 -10.49 -13.69
C GLN A 281 2.54 -11.57 -13.12
N LYS A 282 3.70 -11.78 -13.77
CA LYS A 282 4.66 -12.73 -13.24
C LYS A 282 5.30 -12.24 -11.95
N LEU A 283 5.69 -10.95 -11.85
CA LEU A 283 6.23 -10.36 -10.64
C LEU A 283 5.37 -10.76 -9.43
N SER A 284 4.02 -10.68 -9.56
CA SER A 284 3.13 -11.13 -8.49
C SER A 284 3.25 -12.64 -8.24
N ARG A 285 3.06 -13.42 -9.31
CA ARG A 285 2.82 -14.84 -9.25
C ARG A 285 4.10 -15.48 -8.75
N MET A 286 5.25 -15.01 -9.23
CA MET A 286 6.54 -15.67 -9.06
C MET A 286 7.36 -15.04 -7.93
N ASP A 287 7.24 -13.72 -7.66
CA ASP A 287 8.09 -13.06 -6.68
C ASP A 287 7.31 -12.35 -5.56
N GLY A 288 5.97 -12.38 -5.58
CA GLY A 288 5.18 -11.70 -4.56
C GLY A 288 5.21 -10.17 -4.63
N ILE A 289 5.60 -9.60 -5.79
CA ILE A 289 5.73 -8.16 -5.94
C ILE A 289 4.52 -7.64 -6.72
N PHE A 290 3.55 -7.09 -6.00
CA PHE A 290 2.27 -6.67 -6.58
C PHE A 290 2.32 -5.20 -7.01
N CYS A 291 2.27 -4.98 -8.33
CA CYS A 291 2.62 -3.69 -8.87
C CYS A 291 1.87 -3.38 -10.18
N GLY A 292 2.16 -2.23 -10.75
CA GLY A 292 1.46 -1.69 -11.89
C GLY A 292 2.23 -1.88 -13.20
N PHE A 293 1.73 -1.22 -14.25
CA PHE A 293 2.17 -1.50 -15.60
C PHE A 293 3.65 -1.09 -15.73
N SER A 294 3.99 0.10 -15.22
CA SER A 294 5.29 0.70 -15.40
C SER A 294 6.41 -0.13 -14.72
N ALA A 295 6.09 -0.74 -13.56
CA ALA A 295 6.97 -1.68 -12.89
C ALA A 295 7.25 -2.88 -13.77
N GLY A 296 6.17 -3.50 -14.33
CA GLY A 296 6.30 -4.48 -15.40
C GLY A 296 7.32 -4.05 -16.49
N ALA A 297 7.20 -2.83 -16.98
CA ALA A 297 8.03 -2.38 -18.08
C ALA A 297 9.50 -2.30 -17.67
N ASN A 298 9.69 -1.78 -16.46
CA ASN A 298 11.00 -1.49 -15.93
C ASN A 298 11.73 -2.81 -15.74
N VAL A 299 11.01 -3.80 -15.18
CA VAL A 299 11.63 -5.05 -14.81
C VAL A 299 11.98 -5.82 -16.08
N PHE A 300 11.04 -5.82 -17.01
CA PHE A 300 11.29 -6.38 -18.31
C PHE A 300 12.57 -5.82 -18.93
N ALA A 301 12.72 -4.49 -18.85
CA ALA A 301 13.86 -3.83 -19.47
C ALA A 301 15.15 -4.22 -18.74
N ALA A 302 15.07 -4.37 -17.41
CA ALA A 302 16.20 -4.66 -16.55
C ALA A 302 16.70 -6.07 -16.90
N LEU A 303 15.75 -7.00 -17.05
CA LEU A 303 15.99 -8.37 -17.45
C LEU A 303 16.60 -8.46 -18.85
N LYS A 304 16.21 -7.59 -19.79
CA LYS A 304 16.85 -7.56 -21.11
C LYS A 304 18.31 -7.16 -21.01
N ILE A 305 18.60 -6.11 -20.23
CA ILE A 305 19.98 -5.68 -19.96
C ILE A 305 20.76 -6.77 -19.23
N ALA A 306 20.12 -7.51 -18.32
CA ALA A 306 20.81 -8.49 -17.48
C ALA A 306 21.35 -9.70 -18.28
N GLU A 307 20.68 -9.99 -19.41
CA GLU A 307 21.06 -11.03 -20.34
C GLU A 307 22.34 -10.68 -21.08
N ARG A 308 22.68 -9.41 -21.16
CA ARG A 308 23.88 -9.06 -21.89
C ARG A 308 25.10 -9.69 -21.21
N PRO A 309 26.01 -10.27 -22.03
CA PRO A 309 27.16 -10.98 -21.47
C PRO A 309 28.06 -10.11 -20.57
N GLU A 310 28.12 -8.80 -20.89
CA GLU A 310 29.02 -7.88 -20.19
C GLU A 310 28.44 -7.48 -18.83
N MET A 311 27.16 -7.88 -18.59
CA MET A 311 26.44 -7.61 -17.38
C MET A 311 26.50 -8.76 -16.40
N ALA A 312 27.39 -9.73 -16.68
CA ALA A 312 27.54 -10.90 -15.82
C ALA A 312 28.18 -10.47 -14.52
N GLY A 313 27.53 -10.86 -13.42
CA GLY A 313 28.00 -10.49 -12.09
C GLY A 313 27.96 -8.99 -11.81
N LYS A 314 27.17 -8.21 -12.59
CA LYS A 314 26.95 -6.80 -12.32
C LYS A 314 25.60 -6.59 -11.61
N THR A 315 25.43 -5.38 -11.05
CA THR A 315 24.22 -5.02 -10.30
C THR A 315 23.40 -3.99 -11.07
N ILE A 316 22.16 -4.36 -11.40
CA ILE A 316 21.22 -3.52 -12.09
C ILE A 316 20.12 -3.14 -11.10
N VAL A 317 19.90 -1.80 -11.01
CA VAL A 317 18.84 -1.27 -10.20
C VAL A 317 17.73 -0.70 -11.05
N THR A 318 16.51 -1.01 -10.63
CA THR A 318 15.35 -0.38 -11.23
C THR A 318 14.33 -0.04 -10.13
N VAL A 319 13.19 0.49 -10.58
CA VAL A 319 12.17 1.04 -9.70
C VAL A 319 10.85 0.28 -9.95
N ILE A 320 10.18 -0.13 -8.87
CA ILE A 320 8.79 -0.46 -8.86
C ILE A 320 8.02 0.80 -8.44
N PRO A 321 7.41 1.60 -9.39
CA PRO A 321 6.83 2.90 -9.07
C PRO A 321 5.50 2.91 -8.36
N SER A 322 4.69 1.85 -8.49
CA SER A 322 3.36 1.87 -7.86
C SER A 322 2.89 0.47 -7.48
N PHE A 323 2.11 0.39 -6.38
CA PHE A 323 1.49 -0.83 -5.89
C PHE A 323 0.35 -1.24 -6.82
N GLY A 324 0.02 -2.51 -6.84
CA GLY A 324 -0.84 -3.08 -7.87
C GLY A 324 -2.33 -2.86 -7.59
N GLU A 325 -2.74 -2.49 -6.38
CA GLU A 325 -4.16 -2.63 -6.03
C GLU A 325 -4.98 -1.60 -6.83
N ARG A 326 -4.35 -0.46 -7.13
CA ARG A 326 -4.99 0.59 -7.90
C ARG A 326 -5.30 0.19 -9.35
N TYR A 327 -4.73 -0.91 -9.84
CA TYR A 327 -4.78 -1.29 -11.25
C TYR A 327 -5.64 -2.56 -11.41
N LEU A 328 -6.31 -2.98 -10.32
CA LEU A 328 -7.04 -4.25 -10.24
C LEU A 328 -8.21 -4.40 -11.24
N SER A 329 -8.89 -3.29 -11.55
CA SER A 329 -9.99 -3.31 -12.51
C SER A 329 -9.57 -2.69 -13.85
N THR A 330 -8.35 -2.93 -14.29
CA THR A 330 -7.79 -2.40 -15.52
C THR A 330 -7.29 -3.59 -16.35
N ALA A 331 -6.73 -3.24 -17.53
CA ALA A 331 -6.21 -4.17 -18.52
C ALA A 331 -5.16 -5.08 -17.93
N LEU A 332 -4.41 -4.54 -16.96
CA LEU A 332 -3.27 -5.18 -16.34
C LEU A 332 -3.65 -6.53 -15.75
N TYR A 333 -4.84 -6.61 -15.11
CA TYR A 333 -5.28 -7.83 -14.48
C TYR A 333 -6.59 -8.34 -15.13
N ALA A 334 -6.88 -7.92 -16.38
CA ALA A 334 -8.11 -8.31 -17.06
C ALA A 334 -8.20 -9.83 -17.21
N SER A 335 -7.06 -10.43 -17.65
CA SER A 335 -6.87 -11.87 -17.88
C SER A 335 -7.16 -12.71 -16.63
N VAL A 336 -6.86 -12.13 -15.47
CA VAL A 336 -7.01 -12.82 -14.19
C VAL A 336 -8.48 -12.71 -13.78
N ARG A 337 -9.14 -11.61 -14.14
CA ARG A 337 -10.56 -11.39 -13.89
C ARG A 337 -11.40 -12.31 -14.81
N GLU A 338 -10.90 -12.75 -15.99
CA GLU A 338 -11.53 -13.80 -16.81
C GLU A 338 -11.75 -15.05 -15.98
N GLU A 339 -10.66 -15.53 -15.37
CA GLU A 339 -10.69 -16.79 -14.65
C GLU A 339 -11.69 -16.83 -13.51
N ILE A 340 -11.90 -15.71 -12.78
CA ILE A 340 -12.59 -15.72 -11.50
C ILE A 340 -14.10 -15.47 -11.64
N THR A 341 -14.58 -15.02 -12.83
CA THR A 341 -16.00 -14.80 -13.08
C THR A 341 -16.63 -16.09 -13.63
N SER A 342 -15.92 -16.83 -14.50
CA SER A 342 -16.43 -18.09 -15.04
C SER A 342 -16.13 -19.27 -14.09
N LEU A 343 -16.73 -19.25 -12.90
CA LEU A 343 -16.30 -20.18 -11.86
C LEU A 343 -17.50 -20.90 -11.27
N PRO A 344 -17.33 -22.25 -11.13
CA PRO A 344 -18.16 -23.11 -10.25
C PRO A 344 -18.35 -22.68 -8.79
N VAL A 345 -19.61 -22.59 -8.36
CA VAL A 345 -19.93 -22.90 -6.96
C VAL A 345 -19.87 -24.43 -6.81
N VAL A 346 -20.08 -24.97 -5.59
CA VAL A 346 -20.18 -26.41 -5.32
C VAL A 346 -21.55 -26.66 -4.66
N PRO A 347 -22.21 -27.85 -4.89
CA PRO A 347 -23.68 -27.98 -5.10
C PRO A 347 -24.62 -27.96 -3.89
N VAL A 348 -24.89 -29.14 -3.30
CA VAL A 348 -25.64 -29.25 -2.05
C VAL A 348 -24.86 -30.22 -1.14
N SER A 349 -23.59 -29.87 -0.89
CA SER A 349 -22.46 -30.80 -0.74
C SER A 349 -21.46 -30.21 0.28
N GLU A 350 -21.92 -29.95 1.54
CA GLU A 350 -21.15 -29.29 2.61
C GLU A 350 -21.24 -30.10 3.93
N ILE A 351 -22.13 -29.67 4.87
CA ILE A 351 -22.23 -30.09 6.28
C ILE A 351 -20.82 -30.24 6.88
N GLU B 24 20.01 -6.08 12.94
CA GLU B 24 20.92 -5.55 11.88
C GLU B 24 20.35 -5.79 10.48
N PHE B 25 19.07 -6.22 10.35
CA PHE B 25 18.31 -5.94 9.14
C PHE B 25 17.50 -4.64 9.31
N ASN B 26 17.84 -3.63 8.48
CA ASN B 26 17.08 -2.40 8.41
C ASN B 26 16.57 -2.16 6.96
N LYS B 27 15.22 -2.06 6.79
CA LYS B 27 14.64 -1.99 5.45
C LYS B 27 15.10 -0.73 4.72
N GLN B 28 15.29 0.39 5.42
CA GLN B 28 15.78 1.57 4.69
C GLN B 28 17.27 1.52 4.36
N ASN B 29 18.03 0.65 5.04
CA ASN B 29 19.48 0.68 4.91
C ASN B 29 19.98 -0.45 4.04
N ASP B 30 19.17 -1.49 3.85
CA ASP B 30 19.62 -2.76 3.31
C ASP B 30 18.65 -3.26 2.22
N VAL B 31 19.14 -4.16 1.35
CA VAL B 31 18.29 -4.85 0.40
C VAL B 31 17.77 -6.16 0.97
N ALA B 32 16.47 -6.31 0.96
CA ALA B 32 15.83 -7.50 1.47
C ALA B 32 16.07 -8.65 0.49
N PRO B 33 16.26 -9.86 1.01
CA PRO B 33 16.30 -11.06 0.16
C PRO B 33 15.04 -11.37 -0.64
N SER B 34 13.90 -10.96 -0.11
CA SER B 34 12.64 -11.31 -0.76
C SER B 34 11.51 -10.57 -0.07
N VAL B 35 10.26 -10.66 -0.60
CA VAL B 35 9.25 -9.80 -0.01
C VAL B 35 8.84 -10.27 1.40
N ASP B 36 8.97 -11.55 1.73
CA ASP B 36 8.59 -11.96 3.09
C ASP B 36 9.47 -11.29 4.16
N ALA B 37 10.67 -10.87 3.82
CA ALA B 37 11.55 -10.14 4.74
C ALA B 37 11.06 -8.71 5.03
N LEU B 38 10.10 -8.21 4.24
CA LEU B 38 9.61 -6.85 4.39
C LEU B 38 8.38 -6.82 5.28
N ILE B 39 7.83 -7.97 5.64
CA ILE B 39 6.78 -8.07 6.66
C ILE B 39 7.21 -7.54 8.04
N GLY B 40 6.27 -6.89 8.72
CA GLY B 40 6.58 -6.16 9.95
C GLY B 40 7.61 -5.05 9.77
N ASN B 41 8.22 -4.66 10.88
CA ASN B 41 9.00 -3.43 10.98
C ASN B 41 8.30 -2.25 10.33
N THR B 42 7.01 -2.13 10.65
CA THR B 42 6.15 -1.11 10.10
C THR B 42 6.38 0.23 10.81
N PRO B 43 6.05 1.37 10.15
CA PRO B 43 6.20 2.67 10.80
C PRO B 43 5.10 2.93 11.84
N ALA B 44 5.29 4.04 12.53
CA ALA B 44 4.36 4.52 13.53
C ALA B 44 4.32 6.03 13.36
N VAL B 45 3.15 6.62 13.58
CA VAL B 45 2.97 8.05 13.35
C VAL B 45 2.16 8.60 14.50
N TYR B 46 2.60 9.74 15.05
CA TYR B 46 1.71 10.48 15.97
C TYR B 46 0.44 10.94 15.27
N LEU B 47 -0.73 10.76 15.93
CA LEU B 47 -2.01 11.35 15.48
C LEU B 47 -2.04 12.84 15.79
N ARG B 48 -2.17 13.68 14.75
CA ARG B 48 -1.65 15.04 14.82
C ARG B 48 -2.85 15.96 15.01
N ASN B 49 -3.59 16.17 13.90
CA ASN B 49 -4.66 17.15 13.84
C ASN B 49 -5.88 16.66 14.60
N MET B 50 -6.27 15.38 14.48
CA MET B 50 -7.53 14.89 15.04
C MET B 50 -7.45 14.80 16.57
N ASN B 51 -6.25 14.87 17.15
CA ASN B 51 -6.09 14.76 18.60
C ASN B 51 -6.02 16.15 19.23
N LYS B 52 -7.09 16.70 19.83
CA LYS B 52 -6.85 17.98 20.50
C LYS B 52 -6.88 17.79 22.01
N THR B 53 -6.71 16.55 22.48
CA THR B 53 -6.50 16.20 23.89
C THR B 53 -5.09 16.50 24.39
N ALA B 54 -4.82 16.27 25.68
CA ALA B 54 -3.46 16.43 26.21
C ALA B 54 -2.76 15.07 26.34
N ALA B 55 -3.40 14.01 25.80
CA ALA B 55 -2.75 12.70 25.63
C ALA B 55 -2.04 12.67 24.27
N THR B 56 -0.97 11.90 24.19
CA THR B 56 -0.33 11.56 22.94
C THR B 56 -0.89 10.24 22.41
N ILE B 57 -1.17 10.24 21.08
CA ILE B 57 -1.62 9.02 20.43
C ILE B 57 -0.66 8.61 19.32
N VAL B 58 -0.13 7.38 19.49
CA VAL B 58 0.72 6.75 18.52
C VAL B 58 -0.09 5.73 17.75
N LEU B 59 -0.02 5.87 16.41
CA LEU B 59 -0.60 4.91 15.51
C LEU B 59 0.47 3.99 14.91
N LYS B 60 0.31 2.68 15.20
CA LYS B 60 1.10 1.64 14.58
C LYS B 60 0.53 1.23 13.23
N LEU B 61 1.29 1.43 12.14
CA LEU B 61 0.73 1.35 10.79
C LEU B 61 1.01 -0.02 10.20
N GLU B 62 0.16 -0.97 10.59
CA GLU B 62 0.11 -2.31 10.00
C GLU B 62 -0.38 -2.28 8.55
N SER B 63 -0.98 -1.18 8.14
CA SER B 63 -1.41 -0.92 6.78
C SER B 63 -0.23 -0.88 5.80
N GLU B 64 0.99 -0.69 6.38
CA GLU B 64 2.22 -0.53 5.59
C GLU B 64 2.95 -1.87 5.35
N ASN B 65 2.36 -3.00 5.81
CA ASN B 65 2.84 -4.30 5.44
C ASN B 65 2.74 -4.49 3.93
N PRO B 66 3.51 -5.44 3.35
CA PRO B 66 3.54 -5.62 1.89
C PRO B 66 2.22 -5.78 1.10
N MET B 67 1.23 -6.47 1.69
CA MET B 67 -0.11 -6.63 1.11
C MET B 67 -1.18 -5.93 1.97
N ALA B 68 -0.70 -4.96 2.72
CA ALA B 68 -1.45 -3.82 3.20
C ALA B 68 -2.40 -4.19 4.32
N SER B 69 -2.04 -5.24 5.09
CA SER B 69 -2.83 -5.84 6.14
CA SER B 69 -2.80 -5.56 6.29
C SER B 69 -1.89 -6.26 7.29
N VAL B 70 -2.35 -6.22 8.54
CA VAL B 70 -1.69 -6.88 9.68
C VAL B 70 -1.60 -8.40 9.52
N LYS B 71 -2.48 -8.99 8.71
CA LYS B 71 -2.53 -10.44 8.50
C LYS B 71 -1.30 -10.98 7.79
N ASP B 72 -0.45 -10.08 7.30
CA ASP B 72 0.75 -10.53 6.63
C ASP B 72 1.67 -11.15 7.70
N ARG B 73 1.56 -10.66 8.96
CA ARG B 73 2.41 -11.14 10.04
C ARG B 73 1.99 -12.55 10.39
N LEU B 74 0.70 -12.80 10.36
CA LEU B 74 0.16 -14.11 10.64
C LEU B 74 0.55 -15.15 9.58
N ALA B 75 0.39 -14.82 8.28
CA ALA B 75 0.78 -15.74 7.20
C ALA B 75 2.27 -16.05 7.33
N TYR B 76 3.08 -15.02 7.52
CA TYR B 76 4.48 -15.23 7.79
C TYR B 76 4.69 -16.28 8.88
N ALA B 77 4.00 -16.13 10.01
CA ALA B 77 4.24 -16.99 11.16
C ALA B 77 3.86 -18.43 10.84
N ILE B 78 2.66 -18.64 10.29
CA ILE B 78 2.22 -19.98 9.92
C ILE B 78 3.26 -20.66 9.03
N TYR B 79 3.56 -20.08 7.86
CA TYR B 79 4.51 -20.70 6.97
C TYR B 79 5.88 -20.90 7.62
N ASP B 80 6.32 -19.95 8.44
CA ASP B 80 7.71 -19.98 8.82
C ASP B 80 7.91 -20.93 10.01
N LYS B 81 6.93 -20.95 10.89
CA LYS B 81 6.99 -21.79 12.06
C LYS B 81 6.59 -23.20 11.68
N ALA B 82 5.60 -23.41 10.82
CA ALA B 82 5.27 -24.76 10.39
C ALA B 82 6.47 -25.42 9.67
N GLU B 83 7.10 -24.72 8.72
CA GLU B 83 8.35 -25.15 8.07
C GLU B 83 9.39 -25.54 9.13
N LYS B 84 9.57 -24.74 10.20
CA LYS B 84 10.72 -24.92 11.10
C LYS B 84 10.39 -26.10 12.02
N GLU B 85 9.12 -26.40 12.27
CA GLU B 85 8.70 -27.59 13.03
C GLU B 85 8.39 -28.75 12.08
N GLY B 86 9.14 -28.89 10.96
CA GLY B 86 8.97 -29.97 9.99
C GLY B 86 7.54 -30.29 9.52
N LYS B 87 6.51 -29.55 10.05
CA LYS B 87 5.08 -29.81 9.90
C LYS B 87 4.55 -29.48 8.48
N ILE B 88 5.38 -28.95 7.53
CA ILE B 88 5.09 -28.75 6.09
C ILE B 88 6.43 -28.69 5.33
N LYS B 89 6.40 -28.86 3.99
CA LYS B 89 7.59 -28.90 3.12
C LYS B 89 7.19 -28.35 1.74
N ARG B 90 8.12 -27.60 1.10
CA ARG B 90 7.91 -26.95 -0.18
C ARG B 90 7.59 -28.00 -1.25
N GLY B 91 6.81 -27.65 -2.30
CA GLY B 91 6.46 -28.59 -3.35
C GLY B 91 5.43 -29.61 -2.86
N LYS B 92 5.47 -30.05 -1.59
CA LYS B 92 4.67 -31.20 -1.17
C LYS B 92 3.41 -30.72 -0.49
N SER B 93 3.50 -29.64 0.28
CA SER B 93 2.40 -29.23 1.15
C SER B 93 1.38 -28.40 0.38
N VAL B 94 0.12 -28.42 0.88
CA VAL B 94 -0.97 -27.64 0.31
C VAL B 94 -1.68 -26.87 1.41
N ILE B 95 -1.67 -25.53 1.31
CA ILE B 95 -2.16 -24.75 2.43
C ILE B 95 -3.62 -24.41 2.14
N VAL B 96 -4.48 -24.59 3.14
CA VAL B 96 -5.92 -24.47 2.91
C VAL B 96 -6.56 -23.61 4.00
N GLU B 97 -7.44 -22.71 3.56
CA GLU B 97 -8.11 -21.84 4.51
C GLU B 97 -9.41 -21.39 3.86
N ALA B 98 -10.36 -21.07 4.77
CA ALA B 98 -11.65 -20.48 4.50
C ALA B 98 -11.59 -19.07 5.06
N THR B 99 -11.56 -18.11 4.15
CA THR B 99 -11.39 -16.72 4.56
C THR B 99 -11.88 -15.85 3.41
N SER B 100 -12.80 -14.95 3.77
CA SER B 100 -13.31 -13.94 2.87
C SER B 100 -12.62 -12.59 3.11
N GLY B 101 -11.56 -12.56 3.95
CA GLY B 101 -10.76 -11.38 4.25
C GLY B 101 -9.27 -11.56 3.94
N ASN B 102 -8.50 -10.71 4.66
CA ASN B 102 -7.12 -10.40 4.32
C ASN B 102 -6.15 -11.57 4.56
N THR B 103 -6.55 -12.51 5.46
CA THR B 103 -5.73 -13.66 5.80
C THR B 103 -5.46 -14.50 4.56
N GLY B 104 -6.46 -14.64 3.71
CA GLY B 104 -6.23 -15.42 2.51
C GLY B 104 -5.31 -14.75 1.50
N ILE B 105 -5.44 -13.42 1.35
CA ILE B 105 -4.49 -12.65 0.57
C ILE B 105 -3.06 -12.93 1.04
N ALA B 106 -2.84 -12.84 2.37
CA ALA B 106 -1.51 -12.97 2.93
C ALA B 106 -0.99 -14.41 2.73
N LEU B 107 -1.86 -15.41 3.01
CA LEU B 107 -1.50 -16.81 2.72
C LEU B 107 -1.17 -17.01 1.25
N ALA B 108 -1.97 -16.45 0.33
CA ALA B 108 -1.67 -16.54 -1.08
C ALA B 108 -0.29 -15.97 -1.36
N LEU B 109 -0.06 -14.75 -0.85
CA LEU B 109 1.17 -14.02 -1.11
C LEU B 109 2.37 -14.90 -0.75
N LEU B 110 2.39 -15.43 0.49
CA LEU B 110 3.51 -16.22 0.97
C LEU B 110 3.67 -17.58 0.27
N GLY B 111 2.54 -18.20 -0.11
CA GLY B 111 2.54 -19.29 -1.07
C GLY B 111 3.40 -18.97 -2.32
N ALA B 112 3.14 -17.85 -3.00
CA ALA B 112 3.84 -17.49 -4.23
C ALA B 112 5.35 -17.33 -4.03
N VAL B 113 5.71 -16.79 -2.86
CA VAL B 113 7.06 -16.36 -2.56
C VAL B 113 7.86 -17.60 -2.14
N ARG B 114 7.21 -18.53 -1.41
CA ARG B 114 7.86 -19.67 -0.80
C ARG B 114 7.60 -21.02 -1.51
N GLY B 115 6.83 -21.04 -2.59
CA GLY B 115 6.57 -22.22 -3.41
C GLY B 115 5.66 -23.25 -2.72
N TYR B 116 4.45 -22.83 -2.32
CA TYR B 116 3.37 -23.72 -1.96
C TYR B 116 2.08 -23.41 -2.74
N LYS B 117 1.36 -24.50 -3.15
CA LYS B 117 -0.02 -24.51 -3.65
C LYS B 117 -0.89 -24.10 -2.46
N VAL B 118 -1.81 -23.15 -2.77
CA VAL B 118 -2.71 -22.61 -1.76
C VAL B 118 -4.15 -22.80 -2.27
N ILE B 119 -5.05 -23.27 -1.37
CA ILE B 119 -6.48 -23.30 -1.68
C ILE B 119 -7.23 -22.47 -0.64
N ILE B 120 -8.04 -21.54 -1.17
CA ILE B 120 -8.90 -20.70 -0.37
C ILE B 120 -10.35 -20.99 -0.78
N THR B 121 -11.19 -21.11 0.26
CA THR B 121 -12.60 -21.40 0.21
C THR B 121 -13.35 -20.19 0.79
N MET B 122 -14.36 -19.71 0.07
CA MET B 122 -15.08 -18.54 0.55
C MET B 122 -16.50 -18.55 -0.04
N PRO B 123 -17.49 -17.83 0.58
CA PRO B 123 -18.83 -17.66 0.01
C PRO B 123 -18.83 -16.97 -1.35
N ASP B 124 -19.82 -17.30 -2.20
CA ASP B 124 -19.96 -16.80 -3.56
C ASP B 124 -20.16 -15.29 -3.62
N SER B 125 -20.46 -14.61 -2.49
CA SER B 125 -20.85 -13.20 -2.52
C SER B 125 -19.65 -12.25 -2.64
N MET B 126 -18.44 -12.76 -2.41
CA MET B 126 -17.19 -12.04 -2.52
C MET B 126 -17.03 -11.31 -3.87
N SER B 127 -16.47 -10.09 -3.84
CA SER B 127 -16.31 -9.24 -5.03
C SER B 127 -15.26 -9.79 -6.00
N MET B 128 -15.26 -9.33 -7.28
CA MET B 128 -14.22 -9.73 -8.25
C MET B 128 -12.85 -9.21 -7.79
N GLU B 129 -12.80 -8.04 -7.11
CA GLU B 129 -11.53 -7.45 -6.64
C GLU B 129 -10.90 -8.42 -5.64
N ARG B 130 -11.64 -8.88 -4.63
CA ARG B 130 -11.09 -9.78 -3.63
C ARG B 130 -10.78 -11.19 -4.16
N ARG B 131 -11.27 -11.59 -5.33
CA ARG B 131 -10.96 -12.91 -5.83
C ARG B 131 -9.75 -12.82 -6.75
N SER B 132 -9.63 -11.71 -7.48
CA SER B 132 -8.44 -11.41 -8.28
C SER B 132 -7.20 -11.35 -7.37
N LEU B 133 -7.33 -10.72 -6.18
CA LEU B 133 -6.23 -10.60 -5.23
C LEU B 133 -5.59 -11.94 -4.86
N LEU B 134 -6.40 -13.01 -4.89
CA LEU B 134 -5.92 -14.36 -4.58
C LEU B 134 -5.31 -14.98 -5.83
N ARG B 135 -5.99 -14.77 -6.95
CA ARG B 135 -5.62 -15.52 -8.14
C ARG B 135 -4.40 -14.88 -8.78
N ILE B 136 -4.11 -13.60 -8.45
CA ILE B 136 -2.92 -12.89 -8.97
C ILE B 136 -1.65 -13.57 -8.42
N PHE B 137 -1.77 -14.27 -7.26
CA PHE B 137 -0.67 -14.96 -6.58
C PHE B 137 -0.69 -16.48 -6.81
N GLY B 138 -1.48 -16.94 -7.78
CA GLY B 138 -1.49 -18.35 -8.10
C GLY B 138 -2.44 -19.18 -7.22
N ALA B 139 -3.06 -18.65 -6.17
CA ALA B 139 -3.95 -19.47 -5.35
C ALA B 139 -5.12 -20.04 -6.14
N GLU B 140 -5.56 -21.24 -5.73
CA GLU B 140 -6.79 -21.86 -6.21
C GLU B 140 -7.94 -21.44 -5.31
N LEU B 141 -9.04 -20.99 -5.96
CA LEU B 141 -10.31 -20.71 -5.31
C LEU B 141 -11.25 -21.89 -5.48
N ILE B 142 -12.13 -22.05 -4.48
CA ILE B 142 -13.29 -22.91 -4.55
C ILE B 142 -14.39 -22.16 -3.78
N LEU B 143 -15.51 -21.87 -4.47
CA LEU B 143 -16.53 -20.98 -3.94
C LEU B 143 -17.69 -21.78 -3.31
N THR B 144 -18.28 -21.31 -2.20
CA THR B 144 -19.45 -21.97 -1.57
C THR B 144 -20.66 -21.06 -1.73
N PRO B 145 -21.92 -21.56 -1.60
CA PRO B 145 -23.11 -20.76 -1.84
C PRO B 145 -23.36 -19.81 -0.68
N ALA B 146 -23.83 -18.60 -1.05
CA ALA B 146 -23.86 -17.42 -0.20
C ALA B 146 -24.65 -17.67 1.09
N SER B 147 -25.81 -18.34 0.97
CA SER B 147 -26.73 -18.56 2.08
C SER B 147 -26.04 -19.31 3.23
N LEU B 148 -25.11 -20.22 2.89
CA LEU B 148 -24.40 -21.01 3.89
C LEU B 148 -23.31 -20.16 4.57
N GLY B 149 -22.85 -19.09 3.89
CA GLY B 149 -21.86 -18.16 4.42
C GLY B 149 -20.58 -18.86 4.87
N MET B 150 -20.08 -18.38 6.02
CA MET B 150 -18.77 -18.78 6.51
C MET B 150 -18.82 -20.19 7.14
N LYS B 151 -19.94 -20.63 7.78
CA LYS B 151 -20.00 -21.98 8.35
C LYS B 151 -19.81 -22.97 7.18
N GLY B 152 -20.36 -22.63 6.01
CA GLY B 152 -20.25 -23.42 4.79
C GLY B 152 -18.84 -23.50 4.20
N ALA B 153 -18.19 -22.34 4.06
CA ALA B 153 -16.77 -22.27 3.75
C ALA B 153 -15.90 -23.06 4.75
N VAL B 154 -16.11 -22.84 6.08
CA VAL B 154 -15.38 -23.59 7.11
C VAL B 154 -15.50 -25.10 6.85
N ALA B 155 -16.74 -25.55 6.57
CA ALA B 155 -17.10 -26.89 6.11
C ALA B 155 -16.25 -27.40 4.96
N MET B 156 -16.19 -26.67 3.83
CA MET B 156 -15.48 -27.16 2.66
C MET B 156 -13.97 -27.26 2.91
N ALA B 157 -13.47 -26.31 3.73
CA ALA B 157 -12.07 -26.27 4.11
C ALA B 157 -11.66 -27.56 4.83
N ASN B 158 -12.42 -27.95 5.86
CA ASN B 158 -12.13 -29.17 6.62
C ASN B 158 -12.23 -30.41 5.73
N ARG B 159 -13.20 -30.38 4.77
CA ARG B 159 -13.43 -31.46 3.83
C ARG B 159 -12.15 -31.65 3.02
N ILE B 160 -11.68 -30.58 2.35
CA ILE B 160 -10.51 -30.74 1.52
C ILE B 160 -9.28 -31.15 2.35
N VAL B 161 -9.21 -30.66 3.61
CA VAL B 161 -8.01 -30.80 4.46
C VAL B 161 -7.84 -32.27 4.81
N SER B 162 -8.95 -32.97 5.16
CA SER B 162 -8.81 -34.34 5.63
C SER B 162 -8.88 -35.35 4.46
N ASN B 163 -9.44 -34.95 3.28
CA ASN B 163 -9.37 -35.72 2.04
C ASN B 163 -7.94 -35.83 1.46
N ASN B 164 -7.10 -34.79 1.60
CA ASN B 164 -5.79 -34.84 0.99
C ASN B 164 -4.76 -35.12 2.09
N PRO B 165 -3.92 -36.18 1.93
CA PRO B 165 -2.77 -36.40 2.82
C PRO B 165 -1.74 -35.26 2.89
N ASP B 166 -1.77 -34.30 1.94
CA ASP B 166 -0.76 -33.23 1.90
C ASP B 166 -1.30 -31.88 2.42
N ALA B 167 -2.62 -31.77 2.58
CA ALA B 167 -3.27 -30.53 3.01
C ALA B 167 -3.00 -30.22 4.48
N VAL B 168 -2.82 -28.92 4.79
CA VAL B 168 -2.96 -28.42 6.14
C VAL B 168 -3.90 -27.23 6.09
N LEU B 169 -4.85 -27.24 7.03
CA LEU B 169 -5.54 -26.04 7.46
C LEU B 169 -4.57 -25.13 8.25
N ALA B 170 -4.47 -23.89 7.75
CA ALA B 170 -3.86 -22.80 8.45
C ALA B 170 -4.41 -22.67 9.88
N ASP B 171 -5.74 -22.60 10.04
CA ASP B 171 -6.38 -22.56 11.36
C ASP B 171 -6.14 -21.20 12.06
N GLN B 172 -6.44 -20.07 11.40
CA GLN B 172 -6.06 -18.73 11.87
C GLN B 172 -6.61 -18.37 13.28
N PHE B 173 -7.82 -18.88 13.64
CA PHE B 173 -8.56 -18.46 14.83
C PHE B 173 -8.13 -19.24 16.08
N CYS B 174 -7.54 -20.43 15.88
CA CYS B 174 -7.12 -21.33 16.95
C CYS B 174 -5.56 -21.42 17.03
N THR B 175 -4.77 -21.05 16.01
CA THR B 175 -3.32 -21.29 16.01
C THR B 175 -2.56 -20.48 17.07
N LYS B 176 -1.54 -21.16 17.61
CA LYS B 176 -0.60 -20.67 18.61
C LYS B 176 0.44 -19.77 17.95
N TYR B 177 0.56 -19.82 16.61
CA TYR B 177 1.52 -18.97 15.92
C TYR B 177 1.10 -17.50 15.90
N ASN B 178 -0.21 -17.24 16.12
CA ASN B 178 -0.84 -15.94 15.96
C ASN B 178 -0.31 -14.99 17.03
N ALA B 179 -0.69 -15.17 18.29
CA ALA B 179 -0.20 -14.25 19.31
C ALA B 179 1.33 -14.28 19.41
N GLN B 180 1.97 -15.41 19.06
CA GLN B 180 3.41 -15.57 19.23
C GLN B 180 4.13 -14.49 18.42
N ILE B 181 3.70 -14.34 17.17
CA ILE B 181 4.36 -13.45 16.21
C ILE B 181 4.27 -12.01 16.69
N HIS B 182 3.15 -11.65 17.33
CA HIS B 182 2.98 -10.27 17.77
C HIS B 182 3.77 -10.02 19.05
N GLU B 183 4.01 -11.08 19.82
CA GLU B 183 4.81 -10.92 21.02
C GLU B 183 6.29 -10.77 20.65
N GLU B 184 6.67 -11.38 19.53
CA GLU B 184 8.05 -11.33 19.03
C GLU B 184 8.36 -10.15 18.12
N THR B 185 7.34 -9.56 17.44
CA THR B 185 7.58 -8.52 16.45
C THR B 185 6.86 -7.23 16.83
N THR B 186 5.51 -7.26 16.76
CA THR B 186 4.71 -6.04 16.86
C THR B 186 4.95 -5.40 18.23
N GLY B 187 5.02 -6.21 19.29
CA GLY B 187 5.28 -5.71 20.64
C GLY B 187 6.63 -5.00 20.75
N PRO B 188 7.72 -5.73 20.53
CA PRO B 188 9.04 -5.12 20.61
C PRO B 188 9.22 -3.90 19.74
N GLU B 189 8.59 -3.90 18.57
CA GLU B 189 8.68 -2.74 17.69
C GLU B 189 8.01 -1.51 18.32
N ILE B 190 6.77 -1.67 18.80
CA ILE B 190 6.06 -0.57 19.41
C ILE B 190 6.86 -0.07 20.61
N TRP B 191 7.38 -1.02 21.40
CA TRP B 191 8.18 -0.65 22.56
C TRP B 191 9.38 0.24 22.17
N ARG B 192 10.13 -0.17 21.12
CA ARG B 192 11.27 0.62 20.67
C ARG B 192 10.83 1.96 20.10
N GLN B 193 9.75 1.92 19.30
CA GLN B 193 9.29 3.09 18.56
C GLN B 193 8.88 4.19 19.53
N THR B 194 8.11 3.82 20.56
CA THR B 194 7.74 4.70 21.66
C THR B 194 8.84 4.92 22.72
N LYS B 195 10.03 4.34 22.53
CA LYS B 195 11.09 4.37 23.52
C LYS B 195 10.64 3.96 24.93
N GLY B 196 9.80 2.95 25.09
CA GLY B 196 9.42 2.56 26.43
C GLY B 196 8.28 3.34 27.08
N HIS B 197 7.58 4.23 26.35
CA HIS B 197 6.42 4.99 26.85
C HIS B 197 5.12 4.48 26.22
N VAL B 198 4.45 3.57 26.89
CA VAL B 198 3.13 3.10 26.51
C VAL B 198 2.28 3.01 27.78
N ASP B 199 1.33 3.93 27.95
CA ASP B 199 0.49 3.98 29.14
C ASP B 199 -0.82 3.27 28.89
N CYS B 200 -1.19 3.09 27.60
CA CYS B 200 -2.35 2.31 27.22
C CYS B 200 -2.17 1.76 25.80
N PHE B 201 -2.66 0.55 25.56
CA PHE B 201 -2.62 -0.08 24.26
C PHE B 201 -4.05 -0.51 23.91
N VAL B 202 -4.55 -0.03 22.77
CA VAL B 202 -5.90 -0.22 22.31
C VAL B 202 -5.91 -0.98 20.98
N ALA B 203 -6.71 -2.03 20.90
CA ALA B 203 -6.84 -2.71 19.64
C ALA B 203 -8.14 -3.48 19.53
N GLY B 204 -8.66 -3.49 18.30
CA GLY B 204 -9.81 -4.30 17.96
C GLY B 204 -9.43 -5.77 17.99
N VAL B 205 -10.45 -6.57 18.30
CA VAL B 205 -10.26 -8.01 18.32
C VAL B 205 -10.90 -8.67 17.12
N GLY B 206 -10.06 -9.19 16.21
CA GLY B 206 -10.48 -10.12 15.16
C GLY B 206 -10.27 -11.56 15.61
N THR B 207 -9.05 -12.06 15.37
CA THR B 207 -8.54 -13.31 15.90
C THR B 207 -8.05 -13.09 17.34
N GLY B 208 -7.72 -11.83 17.65
CA GLY B 208 -7.26 -11.41 18.97
C GLY B 208 -5.74 -11.48 19.15
N GLY B 209 -5.01 -11.85 18.11
CA GLY B 209 -3.58 -12.09 18.21
C GLY B 209 -2.79 -10.81 18.44
N THR B 210 -3.15 -9.72 17.73
CA THR B 210 -2.52 -8.42 17.93
C THR B 210 -2.62 -7.96 19.38
N LEU B 211 -3.85 -7.87 19.90
CA LEU B 211 -4.04 -7.43 21.27
C LEU B 211 -3.24 -8.30 22.26
N THR B 212 -3.41 -9.60 22.13
CA THR B 212 -2.88 -10.59 23.05
C THR B 212 -1.35 -10.60 22.98
N GLY B 213 -0.80 -10.76 21.76
CA GLY B 213 0.65 -10.84 21.55
C GLY B 213 1.37 -9.62 22.12
N VAL B 214 0.78 -8.43 21.88
CA VAL B 214 1.38 -7.20 22.34
C VAL B 214 1.33 -7.09 23.86
N ALA B 215 0.14 -7.37 24.41
CA ALA B 215 -0.07 -7.36 25.85
C ALA B 215 0.95 -8.26 26.55
N ARG B 216 1.14 -9.46 26.01
CA ARG B 216 2.08 -10.36 26.65
C ARG B 216 3.49 -9.79 26.62
N PHE B 217 3.88 -9.21 25.50
CA PHE B 217 5.16 -8.56 25.45
C PHE B 217 5.26 -7.48 26.53
N LEU B 218 4.24 -6.60 26.63
CA LEU B 218 4.33 -5.53 27.61
C LEU B 218 4.49 -6.10 29.04
N LYS B 219 3.76 -7.16 29.40
CA LYS B 219 3.91 -7.82 30.70
C LYS B 219 5.32 -8.40 30.80
N SER B 220 5.90 -9.03 29.76
CA SER B 220 7.30 -9.44 29.76
C SER B 220 8.23 -8.39 30.42
N VAL B 221 8.04 -7.09 30.09
CA VAL B 221 9.07 -6.09 30.37
C VAL B 221 8.60 -5.20 31.52
N GLY B 222 7.61 -5.75 32.23
CA GLY B 222 7.01 -5.11 33.38
C GLY B 222 6.30 -3.80 33.06
N CYS B 223 5.70 -3.67 31.88
CA CYS B 223 4.91 -2.49 31.57
C CYS B 223 3.46 -2.85 31.90
N ASN B 224 2.82 -1.99 32.74
CA ASN B 224 1.42 -2.12 33.17
C ASN B 224 0.46 -1.17 32.42
N ALA B 225 0.59 -1.10 31.10
CA ALA B 225 -0.28 -0.24 30.32
C ALA B 225 -1.68 -0.85 30.38
N ASN B 226 -2.73 -0.02 30.37
CA ASN B 226 -4.09 -0.54 30.37
CA ASN B 226 -4.13 -0.41 30.29
C ASN B 226 -4.30 -1.17 28.97
N ILE B 227 -4.80 -2.41 28.98
CA ILE B 227 -5.07 -3.14 27.74
C ILE B 227 -6.57 -3.08 27.35
N VAL B 228 -6.88 -2.55 26.17
CA VAL B 228 -8.25 -2.26 25.76
C VAL B 228 -8.63 -2.98 24.45
N ALA B 229 -9.65 -3.82 24.55
CA ALA B 229 -10.27 -4.45 23.39
C ALA B 229 -11.33 -3.50 22.82
N VAL B 230 -11.53 -3.63 21.51
CA VAL B 230 -12.51 -2.82 20.80
C VAL B 230 -13.38 -3.79 20.03
N GLU B 231 -14.71 -3.66 20.26
CA GLU B 231 -15.63 -4.50 19.51
C GLU B 231 -16.72 -3.64 18.87
N PRO B 232 -17.38 -4.24 17.87
CA PRO B 232 -18.52 -3.60 17.23
C PRO B 232 -19.69 -3.55 18.21
N GLN B 233 -20.48 -2.47 18.13
CA GLN B 233 -21.68 -2.39 18.93
C GLN B 233 -22.70 -3.43 18.44
N GLU B 234 -22.77 -3.61 17.11
CA GLU B 234 -23.74 -4.49 16.46
C GLU B 234 -23.39 -5.99 16.66
N SER B 235 -22.37 -6.32 17.50
CA SER B 235 -21.93 -7.70 17.78
C SER B 235 -21.04 -7.74 19.03
N PRO B 236 -21.56 -7.30 20.21
CA PRO B 236 -20.76 -7.09 21.42
C PRO B 236 -20.55 -8.35 22.27
N VAL B 237 -19.83 -9.29 21.68
CA VAL B 237 -19.65 -10.63 22.20
C VAL B 237 -18.70 -10.66 23.42
N LEU B 238 -17.63 -9.88 23.45
CA LEU B 238 -16.75 -9.93 24.60
C LEU B 238 -17.43 -9.34 25.86
N SER B 239 -18.60 -8.69 25.73
CA SER B 239 -19.40 -8.30 26.90
C SER B 239 -20.66 -9.19 27.06
N GLY B 240 -21.70 -8.67 27.76
CA GLY B 240 -23.01 -9.32 27.81
C GLY B 240 -23.87 -8.97 26.60
N GLY B 241 -23.64 -9.67 25.48
CA GLY B 241 -24.26 -9.35 24.21
C GLY B 241 -24.20 -10.52 23.22
N ARG B 242 -25.14 -10.52 22.24
CA ARG B 242 -25.28 -11.66 21.33
C ARG B 242 -24.64 -11.29 19.98
N PRO B 243 -24.15 -12.28 19.21
CA PRO B 243 -23.64 -12.00 17.86
C PRO B 243 -24.68 -11.39 16.90
N GLY B 244 -24.31 -10.39 16.10
CA GLY B 244 -25.20 -9.92 15.05
C GLY B 244 -24.43 -9.56 13.77
N PRO B 245 -25.10 -9.01 12.74
CA PRO B 245 -24.38 -8.33 11.65
C PRO B 245 -23.83 -6.95 12.04
N HIS B 246 -22.66 -6.58 11.48
CA HIS B 246 -22.04 -5.25 11.57
C HIS B 246 -21.20 -5.04 10.31
N ARG B 247 -20.87 -3.80 9.93
CA ARG B 247 -20.16 -3.57 8.67
C ARG B 247 -18.64 -3.31 8.87
N ILE B 248 -18.11 -3.50 10.13
CA ILE B 248 -16.70 -3.26 10.49
C ILE B 248 -15.84 -4.50 10.21
N GLN B 249 -15.44 -4.61 8.92
CA GLN B 249 -14.57 -5.65 8.42
C GLN B 249 -13.26 -5.74 9.23
N GLY B 250 -13.02 -7.01 9.64
CA GLY B 250 -11.74 -7.57 10.10
C GLY B 250 -11.75 -7.94 11.59
N ILE B 251 -12.55 -7.18 12.41
CA ILE B 251 -12.84 -7.45 13.80
C ILE B 251 -14.27 -7.98 14.01
N GLY B 252 -14.50 -8.53 15.21
CA GLY B 252 -15.83 -8.82 15.72
C GLY B 252 -16.48 -10.01 15.00
N ALA B 253 -15.82 -11.17 15.07
CA ALA B 253 -16.13 -12.38 14.28
C ALA B 253 -17.33 -13.20 14.78
N GLY B 254 -18.08 -12.76 15.82
CA GLY B 254 -19.27 -13.48 16.28
C GLY B 254 -19.05 -14.52 17.39
N PHE B 255 -17.86 -14.52 18.04
CA PHE B 255 -17.53 -15.45 19.13
C PHE B 255 -16.31 -14.93 19.91
N VAL B 256 -15.85 -15.71 20.90
CA VAL B 256 -14.57 -15.47 21.56
C VAL B 256 -13.49 -16.35 20.91
N PRO B 257 -12.45 -15.80 20.22
CA PRO B 257 -11.45 -16.70 19.62
C PRO B 257 -10.63 -17.44 20.70
N GLU B 258 -10.20 -18.69 20.40
CA GLU B 258 -9.40 -19.54 21.30
C GLU B 258 -8.09 -18.76 21.63
N VAL B 259 -7.56 -18.00 20.63
CA VAL B 259 -6.27 -17.29 20.63
C VAL B 259 -6.23 -16.13 21.64
N LEU B 260 -7.39 -15.45 21.79
CA LEU B 260 -7.56 -14.35 22.74
C LEU B 260 -7.45 -14.90 24.17
N ASP B 261 -6.43 -14.39 24.88
CA ASP B 261 -6.20 -14.53 26.32
C ASP B 261 -6.97 -13.38 27.02
N ARG B 262 -8.12 -13.73 27.59
CA ARG B 262 -9.09 -12.78 28.11
C ARG B 262 -8.52 -12.09 29.35
N GLU B 263 -7.68 -12.81 30.13
CA GLU B 263 -7.23 -12.36 31.44
C GLU B 263 -6.38 -11.09 31.33
N LEU B 264 -5.74 -10.88 30.15
CA LEU B 264 -4.83 -9.76 29.87
C LEU B 264 -5.57 -8.44 29.61
N VAL B 265 -6.87 -8.55 29.33
CA VAL B 265 -7.69 -7.46 28.84
C VAL B 265 -8.30 -6.74 30.04
N ASP B 266 -8.04 -5.44 30.13
CA ASP B 266 -8.39 -4.62 31.28
C ASP B 266 -9.73 -3.90 31.05
N GLU B 267 -10.41 -4.04 29.89
CA GLU B 267 -11.43 -3.07 29.50
C GLU B 267 -11.86 -3.28 28.06
N ILE B 268 -13.17 -3.09 27.80
CA ILE B 268 -13.79 -3.27 26.49
C ILE B 268 -14.53 -1.99 26.16
N ILE B 269 -14.36 -1.58 24.89
CA ILE B 269 -14.98 -0.37 24.35
C ILE B 269 -15.68 -0.77 23.06
N GLN B 270 -16.97 -0.40 22.96
CA GLN B 270 -17.81 -0.77 21.84
C GLN B 270 -17.87 0.45 20.96
N VAL B 271 -17.89 0.24 19.63
CA VAL B 271 -17.97 1.36 18.71
C VAL B 271 -19.03 1.00 17.66
N SER B 272 -20.02 1.91 17.48
CA SER B 272 -20.97 1.82 16.35
C SER B 272 -20.21 1.85 15.02
N SER B 273 -20.70 1.11 14.01
CA SER B 273 -20.23 1.26 12.64
C SER B 273 -20.14 2.75 12.22
N ASP B 274 -21.08 3.54 12.67
CA ASP B 274 -21.19 4.91 12.24
C ASP B 274 -20.06 5.75 12.84
N LYS B 275 -19.75 5.55 14.13
CA LYS B 275 -18.70 6.33 14.76
C LYS B 275 -17.36 5.82 14.14
N ALA B 276 -17.30 4.57 13.63
CA ALA B 276 -16.10 4.01 12.99
C ALA B 276 -15.84 4.62 11.61
N ILE B 277 -16.87 4.69 10.77
CA ILE B 277 -16.77 5.32 9.46
C ILE B 277 -16.46 6.82 9.54
N GLU B 278 -17.17 7.58 10.35
CA GLU B 278 -16.81 8.96 10.58
C GLU B 278 -15.29 9.05 10.83
N THR B 279 -14.79 8.24 11.81
CA THR B 279 -13.41 8.38 12.24
C THR B 279 -12.43 8.04 11.09
N ALA B 280 -12.69 6.98 10.33
CA ALA B 280 -11.82 6.64 9.19
C ALA B 280 -11.70 7.81 8.23
N GLN B 281 -12.86 8.42 7.93
CA GLN B 281 -12.94 9.44 6.90
C GLN B 281 -12.21 10.70 7.34
N LYS B 282 -12.26 11.00 8.63
CA LYS B 282 -11.52 12.13 9.17
C LYS B 282 -10.01 11.85 9.14
N LEU B 283 -9.63 10.58 9.48
CA LEU B 283 -8.23 10.19 9.43
C LEU B 283 -7.61 10.59 8.09
N SER B 284 -8.31 10.29 6.98
CA SER B 284 -7.77 10.69 5.68
C SER B 284 -7.77 12.20 5.52
N ARG B 285 -8.95 12.83 5.73
CA ARG B 285 -9.14 14.21 5.33
C ARG B 285 -8.22 15.09 6.16
N MET B 286 -8.07 14.75 7.46
CA MET B 286 -7.40 15.58 8.44
C MET B 286 -5.94 15.17 8.67
N ASP B 287 -5.59 13.87 8.59
CA ASP B 287 -4.25 13.43 8.94
C ASP B 287 -3.49 12.67 7.84
N GLY B 288 -4.13 12.42 6.68
CA GLY B 288 -3.48 11.74 5.57
C GLY B 288 -3.38 10.23 5.79
N ILE B 289 -4.15 9.70 6.76
CA ILE B 289 -4.04 8.31 7.14
C ILE B 289 -5.22 7.57 6.53
N PHE B 290 -4.94 6.89 5.41
CA PHE B 290 -5.96 6.22 4.63
C PHE B 290 -6.10 4.76 5.08
N CYS B 291 -7.23 4.42 5.69
CA CYS B 291 -7.37 3.14 6.35
C CYS B 291 -8.79 2.58 6.31
N GLY B 292 -8.98 1.39 6.93
CA GLY B 292 -10.22 0.62 6.87
C GLY B 292 -11.15 0.86 8.08
N PHE B 293 -12.18 0.00 8.21
CA PHE B 293 -13.23 0.24 9.18
C PHE B 293 -12.67 0.08 10.59
N SER B 294 -11.87 -1.01 10.76
CA SER B 294 -11.31 -1.40 12.06
C SER B 294 -10.41 -0.33 12.69
N ALA B 295 -9.59 0.29 11.84
CA ALA B 295 -8.79 1.47 12.12
C ALA B 295 -9.64 2.64 12.63
N GLY B 296 -10.74 2.94 11.92
CA GLY B 296 -11.67 3.97 12.38
C GLY B 296 -12.15 3.69 13.81
N ALA B 297 -12.49 2.42 14.07
CA ALA B 297 -12.97 2.06 15.40
C ALA B 297 -11.90 2.24 16.46
N ASN B 298 -10.66 1.86 16.10
CA ASN B 298 -9.58 1.79 17.06
C ASN B 298 -9.26 3.22 17.47
N VAL B 299 -9.26 4.11 16.47
CA VAL B 299 -8.84 5.47 16.72
C VAL B 299 -9.94 6.18 17.50
N PHE B 300 -11.20 5.84 17.19
CA PHE B 300 -12.32 6.40 17.92
C PHE B 300 -12.17 6.09 19.40
N ALA B 301 -11.94 4.79 19.66
CA ALA B 301 -11.67 4.29 21.02
C ALA B 301 -10.48 5.00 21.68
N ALA B 302 -9.40 5.22 20.93
CA ALA B 302 -8.19 5.84 21.43
C ALA B 302 -8.49 7.26 21.91
N LEU B 303 -9.22 7.96 21.05
CA LEU B 303 -9.57 9.36 21.29
C LEU B 303 -10.57 9.45 22.45
N LYS B 304 -11.49 8.46 22.62
CA LYS B 304 -12.37 8.42 23.79
C LYS B 304 -11.54 8.34 25.07
N ILE B 305 -10.65 7.34 25.12
CA ILE B 305 -9.67 7.21 26.19
C ILE B 305 -8.82 8.46 26.41
N ALA B 306 -8.38 9.17 25.36
CA ALA B 306 -7.50 10.32 25.53
C ALA B 306 -8.19 11.52 26.21
N GLU B 307 -9.54 11.60 26.12
CA GLU B 307 -10.34 12.69 26.68
C GLU B 307 -10.51 12.55 28.20
N ARG B 308 -10.51 11.31 28.72
CA ARG B 308 -10.33 11.07 30.14
C ARG B 308 -9.26 11.95 30.79
N PRO B 309 -9.62 12.64 31.90
CA PRO B 309 -8.72 13.55 32.60
C PRO B 309 -7.43 12.95 33.15
N GLU B 310 -7.46 11.68 33.62
CA GLU B 310 -6.24 11.03 34.16
C GLU B 310 -5.20 10.67 33.07
N MET B 311 -5.56 10.81 31.77
CA MET B 311 -4.72 10.43 30.65
C MET B 311 -3.90 11.62 30.15
N ALA B 312 -3.99 12.78 30.81
CA ALA B 312 -3.19 13.93 30.40
C ALA B 312 -1.70 13.64 30.52
N GLY B 313 -0.98 13.98 29.45
CA GLY B 313 0.45 13.74 29.36
C GLY B 313 0.81 12.25 29.23
N LYS B 314 -0.14 11.33 28.97
CA LYS B 314 0.16 9.91 28.84
C LYS B 314 0.22 9.53 27.35
N THR B 315 0.69 8.30 27.05
CA THR B 315 0.81 7.84 25.67
C THR B 315 -0.10 6.67 25.42
N ILE B 316 -0.95 6.82 24.39
CA ILE B 316 -1.85 5.75 23.97
C ILE B 316 -1.40 5.24 22.61
N VAL B 317 -1.32 3.92 22.47
CA VAL B 317 -0.93 3.30 21.23
C VAL B 317 -2.08 2.49 20.69
N THR B 318 -2.34 2.68 19.41
CA THR B 318 -3.32 1.83 18.74
C THR B 318 -2.73 1.43 17.38
N VAL B 319 -3.57 0.66 16.68
CA VAL B 319 -3.25 -0.04 15.46
C VAL B 319 -4.15 0.47 14.34
N ILE B 320 -3.49 0.80 13.21
CA ILE B 320 -4.14 0.93 11.93
C ILE B 320 -3.94 -0.39 11.21
N PRO B 321 -4.91 -1.32 11.18
CA PRO B 321 -4.67 -2.66 10.63
C PRO B 321 -4.63 -2.86 9.13
N SER B 322 -5.30 -1.97 8.37
CA SER B 322 -5.34 -2.13 6.91
C SER B 322 -5.39 -0.77 6.18
N PHE B 323 -4.83 -0.74 4.98
CA PHE B 323 -4.85 0.44 4.11
C PHE B 323 -6.24 0.58 3.53
N GLY B 324 -6.61 1.83 3.20
CA GLY B 324 -7.97 2.15 2.81
C GLY B 324 -8.33 1.68 1.40
N GLU B 325 -7.39 1.41 0.49
CA GLU B 325 -7.71 1.26 -0.92
C GLU B 325 -8.61 0.03 -1.16
N ARG B 326 -8.51 -1.01 -0.33
CA ARG B 326 -9.37 -2.18 -0.49
C ARG B 326 -10.85 -1.89 -0.20
N TYR B 327 -11.16 -0.76 0.45
CA TYR B 327 -12.47 -0.50 1.03
C TYR B 327 -13.15 0.65 0.26
N LEU B 328 -12.57 1.02 -0.89
CA LEU B 328 -13.04 2.18 -1.67
C LEU B 328 -14.48 2.05 -2.19
N SER B 329 -14.92 0.85 -2.58
CA SER B 329 -16.28 0.67 -3.11
C SER B 329 -17.16 -0.01 -2.05
N THR B 330 -17.20 0.52 -0.85
CA THR B 330 -17.84 -0.11 0.27
C THR B 330 -18.50 1.04 1.03
N ALA B 331 -19.30 0.68 2.05
CA ALA B 331 -20.05 1.61 2.88
C ALA B 331 -19.13 2.67 3.46
N LEU B 332 -17.86 2.29 3.71
CA LEU B 332 -16.89 3.11 4.42
C LEU B 332 -16.72 4.45 3.69
N TYR B 333 -16.67 4.42 2.34
CA TYR B 333 -16.49 5.64 1.56
C TYR B 333 -17.71 5.86 0.66
N ALA B 334 -18.89 5.31 1.00
CA ALA B 334 -20.14 5.57 0.28
C ALA B 334 -20.47 7.06 0.21
N SER B 335 -20.38 7.77 1.34
CA SER B 335 -20.65 9.21 1.44
C SER B 335 -19.70 10.07 0.61
N VAL B 336 -18.47 9.59 0.39
CA VAL B 336 -17.49 10.32 -0.40
C VAL B 336 -17.82 10.07 -1.88
N ARG B 337 -18.32 8.87 -2.22
CA ARG B 337 -18.76 8.54 -3.58
C ARG B 337 -20.07 9.30 -3.92
N GLU B 338 -20.90 9.70 -2.92
CA GLU B 338 -22.05 10.61 -3.13
C GLU B 338 -21.56 11.89 -3.78
N GLU B 339 -20.58 12.52 -3.12
CA GLU B 339 -20.15 13.85 -3.47
C GLU B 339 -19.40 13.94 -4.82
N ILE B 340 -18.91 12.83 -5.45
CA ILE B 340 -18.07 12.91 -6.65
C ILE B 340 -18.89 12.86 -7.96
N THR B 341 -19.95 12.02 -7.96
CA THR B 341 -21.16 12.21 -8.78
C THR B 341 -21.99 13.26 -8.04
N SER B 342 -22.80 14.06 -8.75
CA SER B 342 -23.29 15.37 -8.27
C SER B 342 -22.23 16.44 -8.56
N LEU B 343 -21.30 16.11 -9.47
CA LEU B 343 -20.37 17.11 -9.92
C LEU B 343 -20.53 17.34 -11.42
N PRO B 344 -20.57 18.66 -11.76
CA PRO B 344 -20.42 19.15 -13.14
C PRO B 344 -19.23 18.65 -13.97
N VAL B 345 -19.49 18.13 -15.17
CA VAL B 345 -18.57 18.35 -16.28
C VAL B 345 -18.58 19.86 -16.66
N VAL B 346 -17.64 20.32 -17.51
CA VAL B 346 -17.69 21.62 -18.18
C VAL B 346 -17.72 21.37 -19.69
N PRO B 347 -18.13 22.34 -20.54
CA PRO B 347 -18.34 21.99 -21.97
C PRO B 347 -17.55 22.55 -23.21
N VAL B 348 -17.35 23.87 -23.20
CA VAL B 348 -17.08 24.71 -24.36
C VAL B 348 -16.23 25.85 -23.78
N SER B 349 -15.04 25.49 -23.23
CA SER B 349 -14.09 26.40 -22.56
C SER B 349 -12.70 25.76 -22.48
N GLU B 350 -11.70 26.65 -22.53
CA GLU B 350 -10.50 26.40 -23.30
C GLU B 350 -9.44 27.38 -22.80
#